data_2ZKG
#
_entry.id   2ZKG
#
_cell.length_a   64.334
_cell.length_b   67.013
_cell.length_c   69.572
_cell.angle_alpha   91.11
_cell.angle_beta   65.01
_cell.angle_gamma   84.48
#
_symmetry.space_group_name_H-M   'P 1'
#
loop_
_entity.id
_entity.type
_entity.pdbx_description
1 polymer 'E3 ubiquitin-protein ligase UHRF1'
2 non-polymer 1,2-ETHANEDIOL
3 water water
#
_entity_poly.entity_id   1
_entity_poly.type   'polypeptide(L)'
_entity_poly.pdbx_seq_one_letter_code
;SGMACVGRTTECTIVPANHFGPIPGVPVGTMWRFRVQVSESGVHRPHVAGIHGRSNDGAYSLVLAGGYEDDVDNGNYFTY
TGSGGRDLSGNKRTAGQSSDQKLTNNNRALALNCHSPINEKGAEAEDWRQGKPVRVVRNMKGGKHSKYAPAEGNRYDGIY
KVVKYWPERGKSGFLVWRYLLRRDDTEPEPWTREGKDRTRQLGLTMQYPE
;
_entity_poly.pdbx_strand_id   A,B,C,D
#
# COMPACT_ATOMS: atom_id res chain seq x y z
N THR A 10 18.58 -9.52 -10.79
CA THR A 10 19.64 -9.18 -11.77
C THR A 10 20.86 -8.75 -10.98
N GLU A 11 22.01 -9.34 -11.29
CA GLU A 11 23.25 -8.94 -10.64
C GLU A 11 23.60 -7.48 -10.98
N CYS A 12 24.27 -6.80 -10.06
CA CYS A 12 24.73 -5.44 -10.29
C CYS A 12 25.75 -5.42 -11.43
N THR A 13 25.51 -4.58 -12.43
CA THR A 13 26.40 -4.46 -13.58
C THR A 13 27.07 -3.10 -13.67
N ILE A 14 26.68 -2.13 -12.86
CA ILE A 14 27.25 -0.77 -13.04
C ILE A 14 28.72 -0.73 -12.63
N VAL A 15 29.13 -1.61 -11.73
CA VAL A 15 30.55 -1.86 -11.41
C VAL A 15 30.79 -3.37 -11.34
N PRO A 16 32.04 -3.81 -11.57
CA PRO A 16 32.34 -5.24 -11.55
C PRO A 16 32.24 -5.84 -10.16
N ALA A 17 32.10 -7.16 -10.13
CA ALA A 17 32.00 -7.88 -8.87
C ALA A 17 33.20 -7.64 -7.95
N ASN A 18 34.38 -7.40 -8.54
CA ASN A 18 35.58 -7.18 -7.75
C ASN A 18 35.86 -5.70 -7.44
N HIS A 19 34.83 -4.88 -7.50
CA HIS A 19 34.95 -3.45 -7.23
C HIS A 19 35.23 -3.23 -5.74
N PHE A 20 36.31 -2.50 -5.43
CA PHE A 20 36.53 -2.04 -4.03
C PHE A 20 35.97 -0.62 -3.89
N GLY A 21 35.35 -0.36 -2.75
CA GLY A 21 34.93 0.97 -2.38
C GLY A 21 33.44 1.19 -2.57
N PRO A 22 33.03 2.45 -2.38
CA PRO A 22 31.60 2.76 -2.44
C PRO A 22 31.01 2.44 -3.79
N ILE A 23 29.72 2.08 -3.78
CA ILE A 23 29.02 1.84 -5.03
C ILE A 23 28.48 3.19 -5.53
N PRO A 24 28.80 3.56 -6.80
CA PRO A 24 28.24 4.79 -7.34
C PRO A 24 26.74 4.87 -7.18
N GLY A 25 26.29 5.97 -6.58
CA GLY A 25 24.87 6.20 -6.45
C GLY A 25 24.24 5.61 -5.21
N VAL A 26 25.01 4.94 -4.34
CA VAL A 26 24.45 4.34 -3.10
C VAL A 26 25.12 5.02 -1.90
N PRO A 27 24.49 6.07 -1.36
CA PRO A 27 25.10 6.75 -0.23
C PRO A 27 25.04 6.06 1.09
N VAL A 28 25.94 6.46 1.97
CA VAL A 28 25.87 6.03 3.38
C VAL A 28 24.48 6.32 3.89
N GLY A 29 23.90 5.32 4.53
CA GLY A 29 22.59 5.46 5.17
C GLY A 29 21.48 4.76 4.39
N THR A 30 21.81 4.26 3.21
CA THR A 30 20.83 3.60 2.36
C THR A 30 20.33 2.34 3.11
N MET A 31 19.03 2.09 3.00
CA MET A 31 18.38 1.02 3.74
C MET A 31 17.63 0.15 2.76
N TRP A 32 17.73 -1.18 2.95
CA TRP A 32 16.92 -2.13 2.20
C TRP A 32 16.27 -3.15 3.12
N ARG A 33 15.01 -3.44 2.87
CA ARG A 33 14.29 -4.43 3.67
C ARG A 33 14.87 -5.83 3.60
N PHE A 34 15.24 -6.24 2.39
CA PHE A 34 15.62 -7.63 2.10
C PHE A 34 17.04 -7.72 1.55
N ARG A 35 17.73 -8.81 1.88
CA ARG A 35 19.08 -9.08 1.35
C ARG A 35 19.18 -9.10 -0.17
N VAL A 36 18.13 -9.50 -0.87
CA VAL A 36 18.21 -9.55 -2.35
C VAL A 36 18.43 -8.15 -2.92
N GLN A 37 17.79 -7.16 -2.33
CA GLN A 37 18.03 -5.78 -2.75
C GLN A 37 19.42 -5.31 -2.44
N VAL A 38 19.94 -5.72 -1.27
CA VAL A 38 21.31 -5.40 -0.91
C VAL A 38 22.27 -5.93 -1.98
N SER A 39 22.03 -7.18 -2.41
N SER A 39 22.02 -7.17 -2.40
CA SER A 39 22.84 -7.82 -3.45
CA SER A 39 22.82 -7.86 -3.42
C SER A 39 22.72 -7.11 -4.79
C SER A 39 22.72 -7.15 -4.79
N GLU A 40 21.49 -6.85 -5.21
CA GLU A 40 21.22 -6.19 -6.50
C GLU A 40 21.82 -4.80 -6.58
N SER A 41 21.98 -4.14 -5.43
CA SER A 41 22.57 -2.82 -5.39
C SER A 41 24.06 -2.82 -5.63
N GLY A 42 24.67 -3.99 -5.45
CA GLY A 42 26.11 -4.18 -5.56
C GLY A 42 26.85 -3.96 -4.25
N VAL A 43 26.15 -3.47 -3.23
CA VAL A 43 26.81 -3.16 -1.97
C VAL A 43 27.31 -4.44 -1.29
N HIS A 44 26.49 -5.49 -1.24
CA HIS A 44 26.93 -6.77 -0.71
C HIS A 44 26.33 -7.88 -1.52
N ARG A 45 27.11 -8.39 -2.45
CA ARG A 45 26.56 -9.28 -3.46
C ARG A 45 26.04 -10.63 -3.02
N PRO A 46 26.74 -11.31 -2.12
CA PRO A 46 26.24 -12.63 -1.66
C PRO A 46 24.86 -12.50 -1.00
N HIS A 47 23.90 -13.37 -1.37
CA HIS A 47 22.55 -13.29 -0.77
C HIS A 47 22.51 -13.79 0.67
N VAL A 48 23.34 -14.77 0.96
CA VAL A 48 23.33 -15.40 2.25
C VAL A 48 24.62 -15.17 3.02
N ALA A 49 25.77 -15.44 2.39
CA ALA A 49 27.06 -15.31 3.07
C ALA A 49 27.29 -13.88 3.58
N GLY A 50 28.02 -13.76 4.69
CA GLY A 50 28.29 -12.49 5.34
C GLY A 50 29.51 -11.74 4.91
N ILE A 51 30.27 -12.31 3.98
CA ILE A 51 31.46 -11.64 3.48
C ILE A 51 31.56 -11.90 2.00
N HIS A 52 32.06 -10.92 1.25
CA HIS A 52 32.38 -11.10 -0.18
C HIS A 52 33.86 -10.77 -0.40
N GLY A 53 34.61 -11.74 -0.89
CA GLY A 53 36.02 -11.51 -1.17
C GLY A 53 36.58 -12.52 -2.14
N ARG A 54 37.82 -12.26 -2.56
CA ARG A 54 38.65 -13.20 -3.33
C ARG A 54 40.01 -13.31 -2.63
N SER A 55 40.45 -14.55 -2.41
CA SER A 55 41.58 -14.81 -1.51
C SER A 55 42.89 -14.23 -1.96
N ASN A 56 42.99 -13.89 -3.24
CA ASN A 56 44.20 -13.26 -3.79
C ASN A 56 44.00 -11.79 -4.16
N ASP A 57 42.92 -11.16 -3.69
CA ASP A 57 42.65 -9.79 -4.07
C ASP A 57 42.31 -8.99 -2.81
N GLY A 58 41.23 -9.37 -2.14
CA GLY A 58 40.76 -8.65 -0.94
C GLY A 58 39.28 -8.90 -0.70
N ALA A 59 38.78 -8.36 0.43
CA ALA A 59 37.38 -8.40 0.81
C ALA A 59 36.67 -7.11 0.36
N TYR A 60 35.51 -7.23 -0.27
CA TYR A 60 34.86 -6.08 -0.88
C TYR A 60 33.78 -5.54 0.06
N SER A 61 33.16 -6.46 0.80
CA SER A 61 32.07 -6.10 1.67
C SER A 61 31.78 -7.15 2.73
N LEU A 62 31.12 -6.70 3.77
CA LEU A 62 30.62 -7.61 4.78
C LEU A 62 29.31 -7.15 5.38
N VAL A 63 28.57 -8.10 5.96
CA VAL A 63 27.29 -7.81 6.60
C VAL A 63 27.45 -8.22 8.05
N LEU A 64 27.13 -7.31 8.95
CA LEU A 64 27.14 -7.63 10.37
C LEU A 64 25.72 -8.01 10.77
N ALA A 65 25.53 -9.26 11.16
CA ALA A 65 24.19 -9.79 11.49
C ALA A 65 24.20 -10.57 12.83
N GLY A 66 25.06 -10.20 13.75
CA GLY A 66 25.14 -10.94 15.02
C GLY A 66 26.51 -11.56 15.15
N GLY A 67 26.75 -12.58 14.34
CA GLY A 67 28.05 -13.21 14.31
C GLY A 67 28.31 -13.92 15.64
N TYR A 68 29.53 -13.76 16.16
CA TYR A 68 29.97 -14.51 17.33
C TYR A 68 29.88 -13.64 18.56
N GLU A 69 30.01 -14.27 19.72
CA GLU A 69 29.78 -13.61 21.02
C GLU A 69 30.95 -12.79 21.52
N ASP A 70 32.16 -13.12 21.08
CA ASP A 70 33.37 -12.36 21.38
C ASP A 70 33.52 -11.11 20.49
N ASP A 71 32.68 -10.98 19.45
CA ASP A 71 32.71 -9.78 18.60
C ASP A 71 32.05 -8.64 19.35
N VAL A 72 32.57 -7.44 19.20
CA VAL A 72 31.98 -6.25 19.84
C VAL A 72 31.83 -5.15 18.79
N ASP A 73 30.62 -4.62 18.68
CA ASP A 73 30.34 -3.53 17.75
C ASP A 73 30.33 -2.20 18.49
N ASN A 74 31.34 -1.40 18.19
CA ASN A 74 31.42 -0.04 18.72
C ASN A 74 31.12 1.07 17.74
N GLY A 75 30.43 0.74 16.65
CA GLY A 75 29.95 1.72 15.69
C GLY A 75 31.05 2.15 14.76
N ASN A 76 31.86 3.08 15.24
CA ASN A 76 32.98 3.58 14.45
C ASN A 76 34.07 2.55 14.29
N TYR A 77 34.08 1.56 15.17
CA TYR A 77 34.94 0.42 15.02
C TYR A 77 34.24 -0.79 15.58
N PHE A 78 34.74 -1.95 15.15
CA PHE A 78 34.19 -3.23 15.56
C PHE A 78 35.18 -4.37 15.42
N THR A 79 34.99 -5.41 16.22
CA THR A 79 35.76 -6.65 16.00
C THR A 79 34.90 -7.68 15.31
N TYR A 80 35.54 -8.67 14.72
CA TYR A 80 34.91 -9.50 13.72
C TYR A 80 35.62 -10.83 13.70
N THR A 81 34.88 -11.91 13.43
CA THR A 81 35.46 -13.26 13.43
C THR A 81 35.30 -13.88 12.05
N GLY A 82 36.34 -14.57 11.59
CA GLY A 82 36.33 -15.18 10.28
C GLY A 82 35.48 -16.43 10.19
N SER A 83 35.57 -17.13 9.06
CA SER A 83 34.71 -18.26 8.80
C SER A 83 35.46 -19.56 8.75
N GLY A 84 34.70 -20.64 8.82
CA GLY A 84 35.25 -21.98 8.74
C GLY A 84 35.29 -22.61 10.12
N GLY A 85 35.72 -23.86 10.19
CA GLY A 85 35.95 -24.52 11.49
C GLY A 85 34.71 -25.09 12.16
N GLN A 97 32.99 -24.83 17.71
CA GLN A 97 34.02 -24.92 16.65
C GLN A 97 34.43 -26.39 16.76
N SER A 98 34.74 -27.00 15.61
CA SER A 98 35.17 -28.39 15.52
C SER A 98 36.50 -28.59 14.78
N SER A 99 37.04 -27.54 14.16
CA SER A 99 38.35 -27.60 13.53
C SER A 99 38.91 -26.18 13.44
N ASP A 100 40.20 -26.06 13.16
CA ASP A 100 40.85 -24.76 13.11
C ASP A 100 40.38 -23.99 11.88
N GLN A 101 40.11 -22.70 12.02
CA GLN A 101 40.02 -21.81 10.84
C GLN A 101 41.43 -21.72 10.20
N LYS A 102 41.47 -21.30 8.94
CA LYS A 102 42.70 -21.20 8.16
C LYS A 102 42.72 -19.83 7.48
N LEU A 103 43.91 -19.29 7.26
CA LEU A 103 44.03 -17.97 6.61
C LEU A 103 44.02 -18.20 5.11
N THR A 104 42.85 -18.62 4.66
CA THR A 104 42.56 -18.99 3.28
C THR A 104 41.19 -18.39 2.90
N ASN A 105 40.83 -18.44 1.62
CA ASN A 105 39.49 -18.02 1.18
C ASN A 105 39.16 -16.64 1.75
N ASN A 106 38.00 -16.43 2.35
CA ASN A 106 37.64 -15.05 2.70
C ASN A 106 38.35 -14.56 3.95
N ASN A 107 38.86 -15.47 4.79
CA ASN A 107 39.71 -15.00 5.89
C ASN A 107 40.97 -14.33 5.34
N ARG A 108 41.59 -14.95 4.35
CA ARG A 108 42.74 -14.36 3.69
C ARG A 108 42.39 -13.07 2.98
N ALA A 109 41.27 -13.06 2.27
CA ALA A 109 40.82 -11.85 1.56
C ALA A 109 40.79 -10.66 2.52
N LEU A 110 40.12 -10.84 3.65
CA LEU A 110 39.98 -9.73 4.59
C LEU A 110 41.33 -9.30 5.15
N ALA A 111 42.23 -10.26 5.43
CA ALA A 111 43.56 -9.92 5.94
C ALA A 111 44.35 -9.14 4.91
N LEU A 112 44.17 -9.50 3.65
CA LEU A 112 44.87 -8.81 2.55
C LEU A 112 44.52 -7.32 2.50
N ASN A 113 43.29 -6.95 2.90
CA ASN A 113 42.90 -5.56 3.01
C ASN A 113 43.78 -4.73 3.96
N CYS A 114 44.35 -5.38 4.97
CA CYS A 114 45.14 -4.70 5.99
C CYS A 114 46.39 -4.15 5.33
N HIS A 115 46.80 -2.93 5.71
CA HIS A 115 48.01 -2.31 5.16
C HIS A 115 49.26 -2.91 5.80
N SER A 116 49.52 -4.17 5.45
CA SER A 116 50.61 -4.94 6.03
C SER A 116 50.81 -6.19 5.16
N PRO A 117 52.04 -6.72 5.12
CA PRO A 117 52.15 -7.97 4.38
C PRO A 117 51.36 -9.10 5.07
N ILE A 118 50.83 -10.03 4.28
CA ILE A 118 50.03 -11.12 4.83
C ILE A 118 50.92 -11.94 5.80
N ASN A 119 50.40 -12.23 6.99
CA ASN A 119 51.13 -12.94 8.04
C ASN A 119 50.25 -13.96 8.75
N GLU A 120 50.71 -15.23 8.74
CA GLU A 120 49.99 -16.33 9.42
C GLU A 120 49.94 -16.13 10.92
N LYS A 121 50.75 -15.21 11.43
CA LYS A 121 50.76 -14.80 12.85
C LYS A 121 49.81 -13.66 13.21
N GLY A 122 49.18 -13.07 12.20
CA GLY A 122 48.44 -11.83 12.38
C GLY A 122 49.36 -10.66 12.08
N ALA A 123 48.78 -9.47 11.98
CA ALA A 123 49.52 -8.27 11.61
C ALA A 123 48.70 -7.06 12.02
N GLU A 124 49.38 -5.94 12.16
CA GLU A 124 48.73 -4.66 12.34
C GLU A 124 49.09 -3.75 11.18
N ALA A 125 48.13 -2.95 10.73
CA ALA A 125 48.38 -2.00 9.64
C ALA A 125 49.47 -0.99 9.97
N GLU A 126 50.28 -0.69 8.96
CA GLU A 126 51.23 0.40 9.04
C GLU A 126 50.46 1.71 9.13
N ASP A 127 49.74 2.05 8.05
CA ASP A 127 48.82 3.18 8.03
C ASP A 127 47.46 2.56 7.69
N TRP A 128 46.61 2.42 8.70
CA TRP A 128 45.36 1.69 8.52
C TRP A 128 44.53 2.25 7.33
N ARG A 129 44.60 3.56 7.10
CA ARG A 129 43.85 4.21 6.03
C ARG A 129 44.34 3.87 4.63
N GLN A 130 45.55 3.33 4.52
CA GLN A 130 46.06 2.91 3.23
C GLN A 130 45.64 1.48 2.89
N GLY A 131 44.84 0.86 3.78
CA GLY A 131 44.29 -0.47 3.55
C GLY A 131 43.17 -0.40 2.52
N LYS A 132 42.82 -1.56 1.97
CA LYS A 132 41.78 -1.62 0.96
C LYS A 132 40.42 -1.46 1.67
N PRO A 133 39.52 -0.68 1.07
CA PRO A 133 38.22 -0.44 1.73
C PRO A 133 37.33 -1.66 1.75
N VAL A 134 36.49 -1.70 2.78
CA VAL A 134 35.47 -2.71 2.98
C VAL A 134 34.11 -2.03 3.18
N ARG A 135 33.14 -2.32 2.30
CA ARG A 135 31.75 -1.83 2.49
C ARG A 135 31.12 -2.60 3.59
N VAL A 136 30.54 -1.90 4.57
CA VAL A 136 29.91 -2.54 5.72
C VAL A 136 28.43 -2.27 5.75
N VAL A 137 27.67 -3.35 5.84
CA VAL A 137 26.22 -3.29 6.00
C VAL A 137 25.88 -3.86 7.39
N ARG A 138 25.04 -3.19 8.16
CA ARG A 138 24.51 -3.76 9.38
C ARG A 138 23.06 -4.23 9.15
N ASN A 139 22.78 -5.42 9.64
CA ASN A 139 21.50 -6.08 9.45
C ASN A 139 20.81 -6.15 10.81
N MET A 140 19.49 -6.18 10.78
CA MET A 140 18.73 -6.07 12.01
C MET A 140 18.98 -7.22 12.98
N LYS A 141 19.49 -8.34 12.49
CA LYS A 141 19.76 -9.48 13.39
C LYS A 141 20.89 -9.16 14.38
N GLY A 142 21.71 -8.16 14.07
CA GLY A 142 22.77 -7.70 14.97
C GLY A 142 22.30 -6.94 16.18
N GLY A 143 21.00 -6.61 16.24
CA GLY A 143 20.42 -5.82 17.33
C GLY A 143 20.40 -6.52 18.69
N LYS A 144 20.65 -7.82 18.68
CA LYS A 144 20.68 -8.62 19.91
C LYS A 144 22.07 -8.58 20.57
N HIS A 145 22.97 -7.75 20.06
CA HIS A 145 24.20 -7.45 20.76
C HIS A 145 24.67 -6.02 20.50
N SER A 146 24.16 -5.39 19.44
CA SER A 146 24.68 -4.10 19.01
C SER A 146 23.60 -3.03 18.97
N LYS A 147 23.85 -1.91 19.61
CA LYS A 147 22.90 -0.80 19.57
C LYS A 147 22.97 -0.06 18.26
N TYR A 148 23.93 -0.42 17.41
CA TYR A 148 24.09 0.25 16.13
C TYR A 148 23.31 -0.43 14.99
N ALA A 149 22.90 -1.69 15.18
CA ALA A 149 22.14 -2.40 14.17
C ALA A 149 20.86 -1.60 13.89
N PRO A 150 20.40 -1.57 12.64
CA PRO A 150 19.07 -1.05 12.41
C PRO A 150 18.00 -1.94 13.05
N ALA A 151 16.85 -1.34 13.40
CA ALA A 151 15.72 -2.10 13.92
C ALA A 151 15.07 -3.00 12.87
N GLU A 152 15.23 -2.64 11.59
CA GLU A 152 14.57 -3.38 10.51
C GLU A 152 15.49 -3.40 9.32
N GLY A 153 15.52 -4.52 8.60
CA GLY A 153 16.22 -4.56 7.32
C GLY A 153 17.75 -4.48 7.44
N ASN A 154 18.34 -3.81 6.43
CA ASN A 154 19.77 -3.70 6.22
C ASN A 154 20.12 -2.25 5.96
N ARG A 155 21.26 -1.79 6.49
CA ARG A 155 21.65 -0.39 6.31
C ARG A 155 23.13 -0.29 5.95
N TYR A 156 23.42 0.48 4.90
CA TYR A 156 24.83 0.69 4.48
C TYR A 156 25.47 1.76 5.34
N ASP A 157 26.50 1.37 6.09
CA ASP A 157 27.14 2.30 7.03
C ASP A 157 28.43 2.92 6.58
N GLY A 158 28.90 2.55 5.41
CA GLY A 158 30.08 3.18 4.81
C GLY A 158 31.29 2.27 4.79
N ILE A 159 32.43 2.90 4.54
CA ILE A 159 33.69 2.23 4.31
C ILE A 159 34.44 2.04 5.62
N TYR A 160 34.95 0.83 5.84
CA TYR A 160 35.79 0.51 7.00
C TYR A 160 37.10 -0.13 6.46
N LYS A 161 38.14 -0.11 7.29
CA LYS A 161 39.44 -0.68 6.96
C LYS A 161 39.92 -1.53 8.10
N VAL A 162 40.70 -2.54 7.75
CA VAL A 162 41.24 -3.47 8.70
C VAL A 162 42.45 -2.88 9.43
N VAL A 163 42.31 -2.69 10.73
CA VAL A 163 43.38 -2.11 11.55
C VAL A 163 44.38 -3.21 11.92
N LYS A 164 43.86 -4.38 12.23
CA LYS A 164 44.71 -5.51 12.56
C LYS A 164 43.92 -6.80 12.45
N TYR A 165 44.63 -7.91 12.41
CA TYR A 165 44.01 -9.22 12.45
C TYR A 165 44.93 -10.18 13.17
N TRP A 166 44.35 -11.17 13.82
CA TRP A 166 45.13 -12.08 14.65
C TRP A 166 44.37 -13.36 14.88
N PRO A 167 45.10 -14.44 15.14
CA PRO A 167 44.49 -15.70 15.48
C PRO A 167 44.38 -15.85 16.99
N GLU A 168 43.34 -16.54 17.42
CA GLU A 168 43.24 -16.91 18.80
C GLU A 168 42.51 -18.23 18.97
N ARG A 169 42.79 -18.87 20.09
CA ARG A 169 42.15 -20.12 20.43
C ARG A 169 41.37 -19.90 21.69
N GLY A 170 40.06 -19.99 21.58
CA GLY A 170 39.15 -19.88 22.71
C GLY A 170 38.90 -21.19 23.41
N LYS A 171 37.73 -21.26 24.04
CA LYS A 171 37.42 -22.37 24.94
C LYS A 171 37.34 -23.74 24.28
N SER A 172 37.02 -23.74 22.98
CA SER A 172 36.99 -24.97 22.17
C SER A 172 38.39 -25.46 21.89
N GLY A 173 39.37 -24.57 21.98
CA GLY A 173 40.76 -24.85 21.67
C GLY A 173 41.11 -24.68 20.23
N PHE A 174 40.11 -24.57 19.35
CA PHE A 174 40.37 -24.40 17.93
C PHE A 174 40.59 -22.94 17.61
N LEU A 175 41.30 -22.73 16.52
CA LEU A 175 41.74 -21.39 16.12
C LEU A 175 40.63 -20.69 15.37
N VAL A 176 40.39 -19.43 15.71
CA VAL A 176 39.56 -18.57 14.88
C VAL A 176 40.37 -17.35 14.48
N TRP A 177 40.03 -16.77 13.33
CA TRP A 177 40.67 -15.57 12.85
C TRP A 177 39.81 -14.38 13.23
N ARG A 178 40.46 -13.37 13.80
CA ARG A 178 39.79 -12.19 14.33
C ARG A 178 40.32 -10.94 13.66
N TYR A 179 39.45 -9.94 13.54
CA TYR A 179 39.73 -8.70 12.85
C TYR A 179 39.19 -7.52 13.63
N LEU A 180 39.94 -6.41 13.58
CA LEU A 180 39.47 -5.12 14.05
C LEU A 180 39.33 -4.18 12.85
N LEU A 181 38.12 -3.67 12.61
CA LEU A 181 37.88 -2.74 11.52
C LEU A 181 37.51 -1.39 12.09
N ARG A 182 37.94 -0.32 11.41
CA ARG A 182 37.64 1.06 11.80
C ARG A 182 37.09 1.85 10.62
N ARG A 183 36.13 2.72 10.90
CA ARG A 183 35.46 3.49 9.84
C ARG A 183 36.37 4.54 9.23
N ASP A 184 36.39 4.62 7.91
CA ASP A 184 37.09 5.66 7.17
C ASP A 184 36.19 6.12 6.02
N ASP A 185 35.27 7.02 6.31
CA ASP A 185 34.27 7.46 5.34
C ASP A 185 34.02 8.95 5.58
N THR A 186 33.92 9.71 4.48
CA THR A 186 33.69 11.17 4.56
C THR A 186 32.26 11.58 4.91
N GLU A 187 31.32 10.64 4.88
CA GLU A 187 29.98 10.90 5.33
C GLU A 187 29.76 10.36 6.75
N PRO A 188 28.95 11.07 7.56
CA PRO A 188 28.78 10.68 8.94
C PRO A 188 28.01 9.38 9.10
N GLU A 189 28.22 8.75 10.26
CA GLU A 189 27.55 7.50 10.61
C GLU A 189 26.05 7.73 10.67
N PRO A 190 25.25 6.83 10.08
CA PRO A 190 23.81 7.10 10.02
C PRO A 190 23.07 7.32 11.35
N TRP A 191 23.61 6.80 12.44
CA TRP A 191 22.99 6.90 13.77
C TRP A 191 23.24 8.23 14.49
N THR A 192 24.11 9.08 13.96
CA THR A 192 24.48 10.32 14.60
C THR A 192 23.54 11.40 14.13
N ARG A 193 23.54 12.52 14.86
CA ARG A 193 22.77 13.67 14.45
C ARG A 193 23.14 14.12 13.04
N GLU A 194 24.43 14.13 12.72
CA GLU A 194 24.88 14.50 11.38
C GLU A 194 24.41 13.48 10.34
N GLY A 195 24.47 12.19 10.67
CA GLY A 195 23.95 11.14 9.78
C GLY A 195 22.47 11.27 9.49
N LYS A 196 21.72 11.61 10.52
CA LYS A 196 20.27 11.77 10.40
C LYS A 196 19.95 12.96 9.51
N ASP A 197 20.73 14.03 9.64
CA ASP A 197 20.59 15.18 8.75
C ASP A 197 20.91 14.83 7.31
N ARG A 198 21.92 13.98 7.05
CA ARG A 198 22.20 13.52 5.67
C ARG A 198 21.09 12.66 5.09
N THR A 199 20.59 11.75 5.92
CA THR A 199 19.47 10.89 5.51
C THR A 199 18.31 11.75 5.05
N ARG A 200 18.00 12.80 5.80
CA ARG A 200 16.97 13.75 5.43
C ARG A 200 17.25 14.41 4.09
N GLN A 201 18.47 14.91 3.90
CA GLN A 201 18.80 15.64 2.66
C GLN A 201 18.75 14.73 1.44
N LEU A 202 19.19 13.49 1.63
CA LEU A 202 19.19 12.49 0.59
C LEU A 202 17.87 11.79 0.37
N GLY A 203 16.92 12.01 1.28
CA GLY A 203 15.57 11.51 1.16
C GLY A 203 15.49 10.01 1.28
N LEU A 204 16.39 9.43 2.07
CA LEU A 204 16.55 7.98 2.12
C LEU A 204 15.37 7.36 2.85
N THR A 205 14.79 6.35 2.21
CA THR A 205 13.70 5.54 2.76
C THR A 205 14.06 4.05 2.67
N MET A 206 13.43 3.24 3.51
CA MET A 206 13.61 1.77 3.42
C MET A 206 13.21 1.35 2.01
N GLN A 207 14.12 0.68 1.32
CA GLN A 207 13.91 0.29 -0.05
C GLN A 207 13.28 -1.11 -0.08
N TYR A 208 12.24 -1.24 -0.88
CA TYR A 208 11.56 -2.52 -1.06
C TYR A 208 11.62 -3.03 -2.52
N PRO A 209 11.29 -4.32 -2.75
CA PRO A 209 11.26 -4.80 -4.11
C PRO A 209 10.31 -3.96 -4.92
N GLU A 210 10.62 -3.69 -6.19
CA GLU A 210 9.67 -2.92 -6.98
C GLU A 210 8.47 -3.78 -7.37
N THR B 10 17.82 -24.17 -3.51
CA THR B 10 17.58 -25.65 -3.43
C THR B 10 16.24 -26.04 -4.06
N GLU B 11 16.26 -27.09 -4.88
CA GLU B 11 15.05 -27.54 -5.55
C GLU B 11 14.28 -28.46 -4.63
N CYS B 12 12.94 -28.41 -4.72
CA CYS B 12 12.08 -29.29 -3.95
C CYS B 12 12.37 -30.76 -4.30
N THR B 13 12.64 -31.58 -3.30
CA THR B 13 12.90 -32.99 -3.56
C THR B 13 11.86 -33.93 -2.96
N ILE B 14 10.90 -33.41 -2.19
CA ILE B 14 9.95 -34.34 -1.53
C ILE B 14 8.98 -34.96 -2.53
N VAL B 15 8.71 -34.27 -3.63
CA VAL B 15 8.00 -34.88 -4.79
C VAL B 15 8.77 -34.56 -6.08
N PRO B 16 8.56 -35.33 -7.16
CA PRO B 16 9.31 -35.06 -8.38
C PRO B 16 8.85 -33.78 -9.08
N ALA B 17 9.70 -33.26 -9.96
CA ALA B 17 9.40 -32.05 -10.73
C ALA B 17 8.10 -32.16 -11.55
N ASN B 18 7.76 -33.38 -11.99
CA ASN B 18 6.52 -33.60 -12.75
C ASN B 18 5.30 -34.05 -11.93
N HIS B 19 5.30 -33.77 -10.63
CA HIS B 19 4.15 -33.98 -9.75
C HIS B 19 2.96 -33.11 -10.12
N PHE B 20 1.82 -33.77 -10.32
CA PHE B 20 0.53 -33.09 -10.43
C PHE B 20 -0.15 -33.11 -9.11
N GLY B 21 -0.81 -32.00 -8.81
CA GLY B 21 -1.63 -31.91 -7.60
C GLY B 21 -0.97 -31.14 -6.47
N PRO B 22 -1.65 -31.04 -5.32
CA PRO B 22 -1.15 -30.27 -4.17
C PRO B 22 0.17 -30.81 -3.65
N ILE B 23 0.99 -29.93 -3.06
CA ILE B 23 2.25 -30.35 -2.51
C ILE B 23 1.98 -30.82 -1.08
N PRO B 24 2.44 -32.04 -0.74
CA PRO B 24 2.28 -32.50 0.64
C PRO B 24 2.79 -31.51 1.64
N GLY B 25 1.94 -31.12 2.58
CA GLY B 25 2.36 -30.24 3.67
C GLY B 25 2.22 -28.76 3.36
N VAL B 26 1.74 -28.41 2.17
CA VAL B 26 1.54 -27.01 1.76
C VAL B 26 0.06 -26.71 1.52
N PRO B 27 -0.61 -26.20 2.56
CA PRO B 27 -2.04 -25.96 2.40
C PRO B 27 -2.38 -24.71 1.61
N VAL B 28 -3.59 -24.70 1.08
CA VAL B 28 -4.16 -23.48 0.46
C VAL B 28 -4.10 -22.37 1.49
N GLY B 29 -3.65 -21.21 1.03
CA GLY B 29 -3.48 -20.04 1.82
C GLY B 29 -2.06 -19.71 2.20
N THR B 30 -1.15 -20.66 1.98
CA THR B 30 0.25 -20.49 2.30
C THR B 30 0.76 -19.28 1.49
N MET B 31 1.62 -18.49 2.11
CA MET B 31 2.10 -17.24 1.54
C MET B 31 3.62 -17.15 1.60
N TRP B 32 4.23 -16.72 0.50
CA TRP B 32 5.65 -16.48 0.41
C TRP B 32 5.91 -15.13 -0.22
N ARG B 33 6.96 -14.45 0.26
CA ARG B 33 7.20 -13.11 -0.24
C ARG B 33 7.75 -13.16 -1.65
N PHE B 34 8.64 -14.11 -1.96
CA PHE B 34 9.37 -14.11 -3.22
C PHE B 34 9.18 -15.39 -3.99
N ARG B 35 9.28 -15.27 -5.29
CA ARG B 35 9.18 -16.40 -6.19
C ARG B 35 10.18 -17.52 -5.88
N VAL B 36 11.39 -17.20 -5.44
CA VAL B 36 12.32 -18.27 -5.08
C VAL B 36 11.79 -19.19 -3.94
N GLN B 37 11.06 -18.60 -3.00
CA GLN B 37 10.50 -19.38 -1.92
C GLN B 37 9.39 -20.27 -2.43
N VAL B 38 8.57 -19.72 -3.30
CA VAL B 38 7.51 -20.51 -3.92
C VAL B 38 8.11 -21.70 -4.68
N SER B 39 9.23 -21.50 -5.33
CA SER B 39 9.91 -22.56 -6.05
C SER B 39 10.46 -23.65 -5.14
N GLU B 40 11.14 -23.23 -4.07
CA GLU B 40 11.71 -24.19 -3.11
C GLU B 40 10.66 -25.05 -2.44
N SER B 41 9.44 -24.53 -2.35
CA SER B 41 8.32 -25.26 -1.76
C SER B 41 7.78 -26.34 -2.68
N GLY B 42 8.14 -26.25 -3.95
CA GLY B 42 7.62 -27.13 -4.97
C GLY B 42 6.32 -26.71 -5.62
N VAL B 43 5.65 -25.70 -5.07
CA VAL B 43 4.33 -25.31 -5.59
C VAL B 43 4.43 -24.75 -6.99
N HIS B 44 5.45 -23.91 -7.24
CA HIS B 44 5.71 -23.38 -8.58
C HIS B 44 7.22 -23.27 -8.82
N ARG B 45 7.75 -24.27 -9.49
CA ARG B 45 9.16 -24.48 -9.58
C ARG B 45 9.95 -23.44 -10.34
N PRO B 46 9.46 -22.98 -11.49
CA PRO B 46 10.23 -21.99 -12.26
C PRO B 46 10.38 -20.66 -11.49
N HIS B 47 11.58 -20.07 -11.54
CA HIS B 47 11.84 -18.84 -10.76
C HIS B 47 11.22 -17.59 -11.37
N VAL B 48 11.08 -17.58 -12.69
CA VAL B 48 10.59 -16.44 -13.42
C VAL B 48 9.34 -16.76 -14.22
N ALA B 49 9.37 -17.83 -15.01
CA ALA B 49 8.27 -18.11 -15.93
C ALA B 49 7.00 -18.33 -15.14
N GLY B 50 5.89 -17.94 -15.74
CA GLY B 50 4.59 -17.98 -15.10
C GLY B 50 3.89 -19.32 -15.16
N ILE B 51 4.45 -20.28 -15.91
CA ILE B 51 3.84 -21.58 -16.04
C ILE B 51 4.94 -22.65 -16.00
N HIS B 52 4.62 -23.80 -15.42
CA HIS B 52 5.50 -24.96 -15.39
C HIS B 52 4.75 -26.11 -16.01
N GLY B 53 5.29 -26.65 -17.09
CA GLY B 53 4.71 -27.84 -17.69
C GLY B 53 5.69 -28.53 -18.63
N ARG B 54 5.21 -29.63 -19.22
CA ARG B 54 5.91 -30.39 -20.27
C ARG B 54 4.94 -30.68 -21.39
N SER B 55 5.33 -30.37 -22.62
CA SER B 55 4.39 -30.38 -23.74
C SER B 55 3.71 -31.72 -23.97
N ASN B 56 4.32 -32.81 -23.52
CA ASN B 56 3.79 -34.16 -23.70
C ASN B 56 3.23 -34.77 -22.42
N ASP B 57 3.11 -33.96 -21.36
CA ASP B 57 2.62 -34.45 -20.07
C ASP B 57 1.49 -33.58 -19.54
N GLY B 58 1.76 -32.30 -19.39
CA GLY B 58 0.76 -31.35 -18.91
C GLY B 58 1.40 -30.21 -18.15
N ALA B 59 0.55 -29.29 -17.68
CA ALA B 59 0.93 -28.11 -16.86
C ALA B 59 0.74 -28.41 -15.37
N TYR B 60 1.77 -28.19 -14.56
CA TYR B 60 1.76 -28.57 -13.16
C TYR B 60 1.29 -27.39 -12.32
N SER B 61 1.63 -26.18 -12.77
CA SER B 61 1.37 -25.00 -11.99
C SER B 61 1.47 -23.72 -12.80
N LEU B 62 0.80 -22.68 -12.30
CA LEU B 62 0.91 -21.38 -12.93
C LEU B 62 0.83 -20.27 -11.91
N VAL B 63 1.38 -19.12 -12.25
CA VAL B 63 1.34 -17.97 -11.34
C VAL B 63 0.57 -16.86 -12.06
N LEU B 64 -0.38 -16.24 -11.37
CA LEU B 64 -1.15 -15.15 -11.95
C LEU B 64 -0.60 -13.85 -11.37
N ALA B 65 -0.02 -13.05 -12.25
CA ALA B 65 0.63 -11.81 -11.85
C ALA B 65 0.22 -10.62 -12.71
N GLY B 66 -0.96 -10.66 -13.30
CA GLY B 66 -1.46 -9.54 -14.11
C GLY B 66 -1.61 -9.93 -15.55
N GLY B 67 -0.49 -10.33 -16.15
CA GLY B 67 -0.45 -10.86 -17.51
C GLY B 67 -1.02 -9.96 -18.61
N TYR B 68 -2.33 -10.13 -18.91
CA TYR B 68 -3.01 -9.43 -20.03
C TYR B 68 -4.43 -8.95 -19.67
N GLU B 69 -5.20 -8.57 -20.72
CA GLU B 69 -6.36 -7.65 -20.67
C GLU B 69 -7.73 -8.21 -21.07
N ASP B 70 -7.76 -9.12 -22.04
CA ASP B 70 -8.95 -9.91 -22.29
C ASP B 70 -9.01 -10.98 -21.20
N ASP B 71 -8.02 -11.02 -20.31
CA ASP B 71 -8.05 -11.93 -19.16
C ASP B 71 -8.97 -11.33 -18.11
N VAL B 72 -9.72 -12.18 -17.41
CA VAL B 72 -10.59 -11.78 -16.31
C VAL B 72 -10.47 -12.82 -15.19
N ASP B 73 -10.15 -12.34 -13.99
CA ASP B 73 -10.03 -13.21 -12.82
C ASP B 73 -11.31 -13.08 -12.00
N ASN B 74 -12.09 -14.13 -11.97
CA ASN B 74 -13.29 -14.19 -11.17
C ASN B 74 -13.13 -15.06 -9.92
N GLY B 75 -11.89 -15.37 -9.53
CA GLY B 75 -11.61 -16.04 -8.29
C GLY B 75 -11.71 -17.55 -8.40
N ASN B 76 -12.93 -18.06 -8.34
CA ASN B 76 -13.22 -19.47 -8.49
C ASN B 76 -13.04 -19.93 -9.94
N TYR B 77 -13.03 -18.97 -10.86
CA TYR B 77 -12.62 -19.23 -12.24
C TYR B 77 -11.94 -18.02 -12.85
N PHE B 78 -11.14 -18.24 -13.88
CA PHE B 78 -10.43 -17.16 -14.53
C PHE B 78 -10.08 -17.53 -15.94
N THR B 79 -9.94 -16.52 -16.79
CA THR B 79 -9.41 -16.72 -18.13
C THR B 79 -7.94 -16.34 -18.14
N TYR B 80 -7.20 -16.90 -19.10
CA TYR B 80 -5.77 -16.88 -19.07
C TYR B 80 -5.23 -16.86 -20.49
N THR B 81 -4.05 -16.32 -20.70
CA THR B 81 -3.49 -16.24 -22.04
C THR B 81 -2.16 -16.95 -22.03
N GLY B 82 -1.88 -17.72 -23.07
CA GLY B 82 -0.62 -18.42 -23.21
C GLY B 82 0.58 -17.52 -23.48
N SER B 83 1.69 -18.15 -23.84
CA SER B 83 2.97 -17.46 -24.04
C SER B 83 3.45 -17.55 -25.47
N GLY B 84 4.41 -16.69 -25.80
CA GLY B 84 4.98 -16.62 -27.13
C GLY B 84 4.49 -15.39 -27.88
N GLY B 85 5.06 -15.19 -29.08
CA GLY B 85 4.63 -14.09 -29.97
C GLY B 85 5.19 -12.74 -29.61
N GLN B 97 1.81 -9.95 -29.95
CA GLN B 97 2.12 -8.65 -30.56
C GLN B 97 2.98 -8.74 -31.82
N SER B 98 3.89 -9.72 -31.87
CA SER B 98 4.90 -9.79 -32.91
C SER B 98 4.70 -10.94 -33.89
N SER B 99 4.24 -12.09 -33.41
CA SER B 99 3.99 -13.25 -34.25
C SER B 99 2.90 -14.08 -33.59
N ASP B 100 2.40 -15.10 -34.27
CA ASP B 100 1.35 -15.94 -33.70
C ASP B 100 1.92 -16.83 -32.60
N GLN B 101 1.16 -17.00 -31.53
CA GLN B 101 1.45 -18.09 -30.58
C GLN B 101 1.20 -19.44 -31.27
N LYS B 102 1.72 -20.51 -30.68
CA LYS B 102 1.58 -21.85 -31.22
C LYS B 102 1.12 -22.79 -30.12
N LEU B 103 0.45 -23.87 -30.49
CA LEU B 103 0.00 -24.85 -29.49
C LEU B 103 1.13 -25.85 -29.28
N THR B 104 2.20 -25.32 -28.70
CA THR B 104 3.43 -26.05 -28.44
C THR B 104 3.93 -25.71 -27.05
N ASN B 105 4.97 -26.41 -26.60
CA ASN B 105 5.61 -26.11 -25.33
C ASN B 105 4.54 -25.94 -24.25
N ASN B 106 4.56 -24.86 -23.46
CA ASN B 106 3.67 -24.81 -22.30
C ASN B 106 2.22 -24.51 -22.66
N ASN B 107 2.00 -23.90 -23.82
CA ASN B 107 0.66 -23.75 -24.32
C ASN B 107 0.04 -25.13 -24.52
N ARG B 108 0.77 -26.03 -25.17
CA ARG B 108 0.30 -27.37 -25.37
C ARG B 108 0.14 -28.11 -24.05
N ALA B 109 1.09 -27.92 -23.14
CA ALA B 109 1.00 -28.54 -21.82
C ALA B 109 -0.30 -28.21 -21.15
N LEU B 110 -0.63 -26.94 -21.08
CA LEU B 110 -1.84 -26.55 -20.40
C LEU B 110 -3.10 -27.09 -21.10
N ALA B 111 -3.12 -27.11 -22.44
CA ALA B 111 -4.26 -27.66 -23.17
C ALA B 111 -4.44 -29.13 -22.87
N LEU B 112 -3.31 -29.85 -22.78
CA LEU B 112 -3.31 -31.28 -22.47
C LEU B 112 -4.03 -31.61 -21.17
N ASN B 113 -3.97 -30.70 -20.20
CA ASN B 113 -4.69 -30.88 -18.93
C ASN B 113 -6.19 -30.97 -19.11
N CYS B 114 -6.69 -30.34 -20.16
CA CYS B 114 -8.14 -30.32 -20.42
C CYS B 114 -8.63 -31.73 -20.74
N HIS B 115 -9.79 -32.09 -20.18
CA HIS B 115 -10.35 -33.45 -20.42
C HIS B 115 -10.97 -33.58 -21.81
N SER B 116 -10.10 -33.61 -22.79
CA SER B 116 -10.49 -33.73 -24.18
C SER B 116 -9.25 -33.97 -25.02
N PRO B 117 -9.43 -34.53 -26.22
CA PRO B 117 -8.28 -34.71 -27.10
C PRO B 117 -7.67 -33.35 -27.46
N ILE B 118 -6.35 -33.30 -27.61
CA ILE B 118 -5.66 -32.06 -27.98
C ILE B 118 -6.12 -31.66 -29.38
N ASN B 119 -6.53 -30.39 -29.54
CA ASN B 119 -7.10 -29.92 -30.81
C ASN B 119 -6.57 -28.53 -31.14
N GLU B 120 -6.00 -28.39 -32.33
CA GLU B 120 -5.43 -27.11 -32.81
C GLU B 120 -6.47 -26.02 -32.97
N LYS B 121 -7.73 -26.39 -32.89
CA LYS B 121 -8.83 -25.46 -33.01
C LYS B 121 -9.37 -25.04 -31.65
N GLY B 122 -8.80 -25.59 -30.57
CA GLY B 122 -9.37 -25.46 -29.24
C GLY B 122 -10.31 -26.61 -28.92
N ALA B 123 -10.76 -26.67 -27.68
CA ALA B 123 -11.59 -27.77 -27.20
C ALA B 123 -12.20 -27.41 -25.86
N GLU B 124 -13.23 -28.13 -25.49
CA GLU B 124 -13.87 -27.97 -24.19
C GLU B 124 -13.89 -29.33 -23.52
N ALA B 125 -13.67 -29.35 -22.21
CA ALA B 125 -13.57 -30.58 -21.46
C ALA B 125 -14.88 -31.34 -21.49
N GLU B 126 -14.77 -32.66 -21.58
CA GLU B 126 -15.89 -33.57 -21.41
C GLU B 126 -16.36 -33.51 -19.97
N ASP B 127 -15.55 -33.99 -19.04
CA ASP B 127 -15.79 -33.82 -17.60
C ASP B 127 -14.62 -32.97 -17.08
N TRP B 128 -14.87 -31.68 -16.90
CA TRP B 128 -13.79 -30.77 -16.53
C TRP B 128 -13.00 -31.30 -15.30
N ARG B 129 -13.70 -31.89 -14.35
CA ARG B 129 -13.06 -32.38 -13.14
C ARG B 129 -12.14 -33.59 -13.37
N GLN B 130 -12.31 -34.28 -14.51
CA GLN B 130 -11.40 -35.36 -14.90
C GLN B 130 -10.13 -34.87 -15.56
N GLY B 131 -10.00 -33.55 -15.75
CA GLY B 131 -8.75 -32.97 -16.21
C GLY B 131 -7.64 -33.03 -15.17
N LYS B 132 -6.41 -32.82 -15.65
CA LYS B 132 -5.23 -32.87 -14.77
C LYS B 132 -5.21 -31.57 -13.95
N PRO B 133 -4.86 -31.68 -12.67
CA PRO B 133 -4.90 -30.48 -11.84
C PRO B 133 -3.76 -29.51 -12.12
N VAL B 134 -4.03 -28.24 -11.85
CA VAL B 134 -3.05 -27.17 -11.95
C VAL B 134 -2.99 -26.44 -10.62
N ARG B 135 -1.80 -26.35 -10.02
CA ARG B 135 -1.58 -25.53 -8.83
C ARG B 135 -1.59 -24.11 -9.22
N VAL B 136 -2.42 -23.28 -8.57
CA VAL B 136 -2.46 -21.86 -8.93
C VAL B 136 -1.98 -21.00 -7.78
N VAL B 137 -1.03 -20.12 -8.08
CA VAL B 137 -0.53 -19.12 -7.15
C VAL B 137 -0.92 -17.73 -7.71
N ARG B 138 -1.45 -16.86 -6.85
CA ARG B 138 -1.63 -15.46 -7.22
C ARG B 138 -0.56 -14.61 -6.55
N ASN B 139 -0.03 -13.67 -7.33
CA ASN B 139 1.03 -12.79 -6.92
C ASN B 139 0.53 -11.34 -6.84
N MET B 140 1.14 -10.57 -5.95
CA MET B 140 0.68 -9.20 -5.68
C MET B 140 0.62 -8.30 -6.91
N LYS B 141 1.48 -8.53 -7.89
CA LYS B 141 1.44 -7.71 -9.11
C LYS B 141 0.14 -7.86 -9.91
N GLY B 142 -0.62 -8.92 -9.63
CA GLY B 142 -1.94 -9.10 -10.20
C GLY B 142 -3.03 -8.15 -9.70
N GLY B 143 -2.72 -7.34 -8.69
CA GLY B 143 -3.74 -6.53 -8.01
C GLY B 143 -4.41 -5.48 -8.88
N LYS B 144 -3.69 -4.97 -9.86
CA LYS B 144 -4.24 -3.92 -10.68
C LYS B 144 -5.30 -4.50 -11.62
N HIS B 145 -5.11 -5.78 -11.97
CA HIS B 145 -5.99 -6.48 -12.87
C HIS B 145 -7.08 -7.26 -12.13
N SER B 146 -6.82 -7.63 -10.88
CA SER B 146 -7.71 -8.55 -10.18
C SER B 146 -7.84 -8.24 -8.71
N LYS B 147 -9.08 -8.26 -8.22
CA LYS B 147 -9.35 -8.03 -6.80
C LYS B 147 -9.02 -9.23 -5.91
N TYR B 148 -8.69 -10.38 -6.52
CA TYR B 148 -8.37 -11.58 -5.77
C TYR B 148 -6.88 -11.74 -5.50
N ALA B 149 -6.05 -10.95 -6.15
CA ALA B 149 -4.60 -11.02 -5.87
C ALA B 149 -4.33 -10.68 -4.41
N PRO B 150 -3.30 -11.29 -3.79
CA PRO B 150 -2.92 -10.95 -2.42
C PRO B 150 -2.35 -9.54 -2.42
N ALA B 151 -2.47 -8.84 -1.28
CA ALA B 151 -1.84 -7.53 -1.09
C ALA B 151 -0.31 -7.60 -1.28
N GLU B 152 0.30 -8.65 -0.74
CA GLU B 152 1.76 -8.76 -0.64
C GLU B 152 2.20 -10.15 -1.07
N GLY B 153 3.27 -10.26 -1.84
CA GLY B 153 3.87 -11.58 -2.11
C GLY B 153 3.06 -12.51 -2.96
N ASN B 154 3.12 -13.79 -2.61
CA ASN B 154 2.57 -14.86 -3.39
C ASN B 154 1.71 -15.75 -2.48
N ARG B 155 0.58 -16.22 -2.99
CA ARG B 155 -0.33 -17.04 -2.18
C ARG B 155 -0.83 -18.19 -2.99
N TYR B 156 -0.82 -19.39 -2.38
CA TYR B 156 -1.25 -20.59 -3.03
C TYR B 156 -2.76 -20.70 -2.86
N ASP B 157 -3.46 -20.74 -4.00
CA ASP B 157 -4.93 -20.66 -3.95
C ASP B 157 -5.62 -22.00 -4.24
N GLY B 158 -4.83 -23.02 -4.55
CA GLY B 158 -5.38 -24.37 -4.70
C GLY B 158 -5.39 -24.86 -6.13
N ILE B 159 -6.14 -25.94 -6.33
CA ILE B 159 -6.15 -26.66 -7.57
C ILE B 159 -7.25 -26.14 -8.49
N TYR B 160 -6.88 -25.92 -9.74
CA TYR B 160 -7.81 -25.52 -10.79
C TYR B 160 -7.67 -26.50 -11.93
N LYS B 161 -8.68 -26.52 -12.79
CA LYS B 161 -8.68 -27.41 -13.95
C LYS B 161 -9.10 -26.62 -15.19
N VAL B 162 -8.62 -27.05 -16.35
CA VAL B 162 -8.91 -26.39 -17.61
C VAL B 162 -10.28 -26.79 -18.13
N VAL B 163 -11.22 -25.83 -18.17
CA VAL B 163 -12.58 -26.09 -18.64
C VAL B 163 -12.59 -26.10 -20.18
N LYS B 164 -11.84 -25.18 -20.77
CA LYS B 164 -11.71 -25.10 -22.21
C LYS B 164 -10.53 -24.23 -22.62
N TYR B 165 -10.13 -24.35 -23.88
CA TYR B 165 -9.12 -23.47 -24.45
C TYR B 165 -9.44 -23.21 -25.91
N TRP B 166 -8.99 -22.07 -26.42
CA TRP B 166 -9.33 -21.67 -27.75
C TRP B 166 -8.31 -20.66 -28.27
N PRO B 167 -8.10 -20.64 -29.60
CA PRO B 167 -7.29 -19.59 -30.22
C PRO B 167 -8.10 -18.38 -30.55
N GLU B 168 -7.49 -17.21 -30.44
CA GLU B 168 -8.13 -16.02 -30.93
C GLU B 168 -7.15 -14.98 -31.43
N ARG B 169 -7.64 -14.14 -32.34
CA ARG B 169 -6.85 -13.04 -32.85
C ARG B 169 -7.47 -11.75 -32.36
N GLY B 170 -6.72 -11.01 -31.54
CA GLY B 170 -7.15 -9.71 -31.01
C GLY B 170 -6.73 -8.57 -31.89
N LYS B 171 -6.59 -7.39 -31.30
CA LYS B 171 -6.37 -6.14 -32.05
C LYS B 171 -5.08 -6.12 -32.86
N SER B 172 -4.05 -6.82 -32.38
CA SER B 172 -2.79 -6.94 -33.11
C SER B 172 -2.89 -7.80 -34.36
N GLY B 173 -3.96 -8.58 -34.46
CA GLY B 173 -4.10 -9.53 -35.54
C GLY B 173 -3.46 -10.86 -35.29
N PHE B 174 -2.53 -10.93 -34.34
CA PHE B 174 -1.79 -12.17 -34.08
C PHE B 174 -2.55 -13.09 -33.15
N LEU B 175 -2.30 -14.38 -33.32
CA LEU B 175 -3.00 -15.42 -32.62
C LEU B 175 -2.43 -15.58 -31.24
N VAL B 176 -3.32 -15.58 -30.25
CA VAL B 176 -2.98 -15.98 -28.89
C VAL B 176 -3.82 -17.19 -28.46
N TRP B 177 -3.24 -18.02 -27.59
CA TRP B 177 -4.00 -19.12 -26.98
C TRP B 177 -4.60 -18.68 -25.65
N ARG B 178 -5.89 -18.98 -25.48
CA ARG B 178 -6.70 -18.57 -24.31
C ARG B 178 -7.22 -19.81 -23.61
N TYR B 179 -7.41 -19.71 -22.29
CA TYR B 179 -7.84 -20.83 -21.43
C TYR B 179 -8.83 -20.31 -20.39
N LEU B 180 -9.80 -21.15 -20.02
CA LEU B 180 -10.70 -20.92 -18.91
C LEU B 180 -10.38 -21.98 -17.87
N LEU B 181 -9.99 -21.54 -16.66
CA LEU B 181 -9.73 -22.49 -15.58
C LEU B 181 -10.74 -22.31 -14.45
N ARG B 182 -11.12 -23.41 -13.80
CA ARG B 182 -12.10 -23.39 -12.70
C ARG B 182 -11.58 -24.19 -11.52
N ARG B 183 -11.85 -23.70 -10.32
CA ARG B 183 -11.29 -24.25 -9.10
C ARG B 183 -11.92 -25.58 -8.79
N ASP B 184 -11.11 -26.55 -8.41
CA ASP B 184 -11.63 -27.85 -7.94
C ASP B 184 -10.76 -28.26 -6.78
N ASP B 185 -11.11 -27.75 -5.59
CA ASP B 185 -10.31 -27.95 -4.39
C ASP B 185 -11.28 -27.97 -3.22
N THR B 186 -11.05 -28.89 -2.28
CA THR B 186 -11.92 -29.05 -1.11
C THR B 186 -11.61 -28.05 -0.01
N GLU B 187 -10.44 -27.40 -0.07
CA GLU B 187 -10.10 -26.34 0.91
C GLU B 187 -10.66 -25.03 0.44
N PRO B 188 -11.22 -24.22 1.35
CA PRO B 188 -11.86 -22.98 0.88
C PRO B 188 -10.89 -21.95 0.28
N GLU B 189 -11.40 -21.11 -0.62
CA GLU B 189 -10.62 -20.03 -1.21
C GLU B 189 -10.11 -19.06 -0.12
N PRO B 190 -8.81 -18.70 -0.12
CA PRO B 190 -8.26 -17.81 0.95
C PRO B 190 -8.95 -16.46 1.16
N TRP B 191 -9.67 -15.96 0.16
CA TRP B 191 -10.34 -14.65 0.28
C TRP B 191 -11.74 -14.73 0.87
N THR B 192 -12.28 -15.93 1.05
CA THR B 192 -13.65 -16.07 1.55
C THR B 192 -13.63 -16.04 3.07
N ARG B 193 -14.80 -15.86 3.70
CA ARG B 193 -14.91 -16.05 5.14
C ARG B 193 -14.34 -17.39 5.59
N GLU B 194 -14.65 -18.46 4.87
CA GLU B 194 -14.20 -19.80 5.27
C GLU B 194 -12.67 -19.92 5.13
N GLY B 195 -12.14 -19.38 4.04
CA GLY B 195 -10.68 -19.37 3.81
C GLY B 195 -9.92 -18.53 4.83
N LYS B 196 -10.45 -17.36 5.17
CA LYS B 196 -9.83 -16.52 6.20
C LYS B 196 -9.84 -17.20 7.57
N ASP B 197 -10.97 -17.77 7.94
CA ASP B 197 -11.07 -18.61 9.15
C ASP B 197 -9.99 -19.69 9.15
N ARG B 198 -9.90 -20.39 8.02
CA ARG B 198 -8.97 -21.51 7.84
C ARG B 198 -7.52 -21.07 7.96
N THR B 199 -7.19 -19.97 7.28
CA THR B 199 -5.87 -19.37 7.42
C THR B 199 -5.51 -19.05 8.89
N ARG B 200 -6.48 -18.54 9.66
CA ARG B 200 -6.23 -18.24 11.07
C ARG B 200 -6.01 -19.53 11.87
N GLN B 201 -6.90 -20.50 11.65
CA GLN B 201 -6.86 -21.84 12.27
C GLN B 201 -5.52 -22.57 11.99
N LEU B 202 -5.00 -22.44 10.77
CA LEU B 202 -3.69 -22.99 10.43
C LEU B 202 -2.52 -22.09 10.87
N GLY B 203 -2.80 -20.85 11.23
CA GLY B 203 -1.79 -19.92 11.66
C GLY B 203 -0.78 -19.59 10.57
N LEU B 204 -1.27 -19.44 9.35
CA LEU B 204 -0.42 -19.12 8.21
C LEU B 204 -0.08 -17.66 8.21
N THR B 205 1.19 -17.34 8.00
CA THR B 205 1.65 -15.95 7.93
C THR B 205 2.63 -15.83 6.77
N MET B 206 2.87 -14.61 6.31
CA MET B 206 3.79 -14.40 5.20
C MET B 206 5.16 -14.96 5.58
N GLN B 207 5.74 -15.76 4.68
CA GLN B 207 7.08 -16.29 4.85
C GLN B 207 8.11 -15.41 4.19
N TYR B 208 9.04 -14.87 4.98
CA TYR B 208 10.10 -14.01 4.46
C TYR B 208 11.38 -14.84 4.39
N PRO B 209 12.30 -14.51 3.49
CA PRO B 209 13.52 -15.33 3.45
C PRO B 209 14.39 -15.33 4.70
N GLU B 210 14.85 -16.51 5.06
CA GLU B 210 16.27 -16.70 5.31
C GLU B 210 16.87 -15.65 6.25
N CYS C 12 2.12 -3.62 21.80
CA CYS C 12 3.33 -3.65 20.92
C CYS C 12 4.58 -3.91 21.76
N THR C 13 5.43 -4.83 21.31
CA THR C 13 6.68 -5.15 22.00
C THR C 13 7.93 -4.86 21.17
N ILE C 14 7.79 -4.56 19.89
CA ILE C 14 8.97 -4.32 19.07
C ILE C 14 9.71 -3.04 19.54
N VAL C 15 8.98 -2.12 20.17
CA VAL C 15 9.58 -0.98 20.89
C VAL C 15 8.77 -0.74 22.18
N PRO C 16 9.40 -0.13 23.20
CA PRO C 16 8.69 0.27 24.43
C PRO C 16 7.73 1.42 24.25
N ALA C 17 6.82 1.62 25.22
CA ALA C 17 5.77 2.63 25.11
C ALA C 17 6.26 4.07 25.14
N ASN C 18 7.50 4.32 25.57
CA ASN C 18 8.07 5.67 25.53
C ASN C 18 8.91 5.91 24.28
N HIS C 19 8.72 5.09 23.26
CA HIS C 19 9.51 5.21 22.04
C HIS C 19 9.08 6.47 21.28
N PHE C 20 10.06 7.31 20.94
CA PHE C 20 9.85 8.43 20.01
C PHE C 20 10.28 8.04 18.62
N GLY C 21 9.46 8.35 17.62
CA GLY C 21 9.85 8.13 16.24
C GLY C 21 9.06 6.99 15.60
N PRO C 22 9.40 6.66 14.35
CA PRO C 22 8.66 5.63 13.62
C PRO C 22 8.74 4.29 14.31
N ILE C 23 7.69 3.50 14.11
CA ILE C 23 7.74 2.12 14.57
C ILE C 23 8.37 1.28 13.47
N PRO C 24 9.38 0.49 13.83
CA PRO C 24 9.98 -0.39 12.83
C PRO C 24 8.95 -1.33 12.25
N GLY C 25 8.94 -1.46 10.92
CA GLY C 25 8.03 -2.38 10.29
C GLY C 25 6.68 -1.79 10.00
N VAL C 26 6.48 -0.52 10.34
CA VAL C 26 5.23 0.21 10.06
C VAL C 26 5.45 1.41 9.17
N PRO C 27 5.43 1.22 7.84
CA PRO C 27 5.69 2.34 6.95
C PRO C 27 4.56 3.36 6.89
N VAL C 28 4.93 4.58 6.49
CA VAL C 28 3.94 5.59 6.17
C VAL C 28 2.97 5.00 5.12
N GLY C 29 1.69 5.26 5.29
CA GLY C 29 0.65 4.71 4.42
C GLY C 29 -0.05 3.51 5.02
N THR C 30 0.46 2.96 6.12
CA THR C 30 -0.21 1.82 6.78
C THR C 30 -1.63 2.23 7.21
N MET C 31 -2.58 1.31 7.05
CA MET C 31 -3.99 1.60 7.27
C MET C 31 -4.58 0.56 8.20
N TRP C 32 -5.43 1.00 9.11
CA TRP C 32 -6.16 0.10 10.02
C TRP C 32 -7.59 0.52 10.16
N ARG C 33 -8.49 -0.47 10.14
N ARG C 33 -8.52 -0.45 10.12
CA ARG C 33 -9.89 -0.17 10.27
CA ARG C 33 -9.95 -0.09 10.27
C ARG C 33 -10.22 0.42 11.65
C ARG C 33 -10.28 0.40 11.68
N PHE C 34 -9.59 -0.13 12.68
CA PHE C 34 -9.92 0.16 14.09
C PHE C 34 -8.76 0.68 14.93
N ARG C 35 -9.10 1.53 15.91
CA ARG C 35 -8.11 2.08 16.83
C ARG C 35 -7.36 0.97 17.62
N VAL C 36 -8.02 -0.14 17.94
CA VAL C 36 -7.34 -1.19 18.68
C VAL C 36 -6.14 -1.71 17.89
N GLN C 37 -6.28 -1.80 16.58
CA GLN C 37 -5.18 -2.31 15.74
C GLN C 37 -4.07 -1.26 15.64
N VAL C 38 -4.46 0.00 15.59
CA VAL C 38 -3.45 1.09 15.60
C VAL C 38 -2.62 0.98 16.90
N SER C 39 -3.30 0.74 18.02
CA SER C 39 -2.63 0.55 19.29
C SER C 39 -1.68 -0.64 19.29
N GLU C 40 -2.19 -1.80 18.87
CA GLU C 40 -1.39 -3.04 18.80
C GLU C 40 -0.14 -2.88 17.93
N SER C 41 -0.23 -2.01 16.93
CA SER C 41 0.94 -1.73 16.06
C SER C 41 2.01 -0.93 16.79
N GLY C 42 1.66 -0.26 17.89
CA GLY C 42 2.56 0.67 18.59
C GLY C 42 2.52 2.11 18.10
N VAL C 43 1.85 2.36 16.98
CA VAL C 43 1.88 3.68 16.39
C VAL C 43 1.15 4.70 17.25
N HIS C 44 -0.01 4.32 17.78
CA HIS C 44 -0.72 5.16 18.73
C HIS C 44 -1.32 4.29 19.79
N ARG C 45 -0.69 4.23 20.95
CA ARG C 45 -1.08 3.24 21.95
C ARG C 45 -2.43 3.46 22.61
N PRO C 46 -2.82 4.70 22.93
CA PRO C 46 -4.09 4.81 23.61
C PRO C 46 -5.25 4.36 22.73
N HIS C 47 -6.18 3.59 23.30
CA HIS C 47 -7.33 3.11 22.54
C HIS C 47 -8.35 4.18 22.19
N VAL C 48 -8.45 5.22 23.03
CA VAL C 48 -9.47 6.28 22.89
C VAL C 48 -8.89 7.68 22.77
N ALA C 49 -8.00 8.07 23.69
CA ALA C 49 -7.41 9.42 23.70
C ALA C 49 -6.72 9.71 22.39
N GLY C 50 -6.75 10.97 21.96
CA GLY C 50 -6.21 11.38 20.69
C GLY C 50 -4.74 11.72 20.77
N ILE C 51 -4.15 11.67 21.96
CA ILE C 51 -2.76 12.00 22.17
C ILE C 51 -2.16 11.02 23.17
N HIS C 52 -0.90 10.66 22.94
CA HIS C 52 -0.12 9.83 23.86
C HIS C 52 1.10 10.62 24.25
N GLY C 53 1.25 10.84 25.55
CA GLY C 53 2.42 11.56 26.02
C GLY C 53 2.60 11.44 27.51
N ARG C 54 3.68 12.01 28.00
N ARG C 54 3.71 12.00 27.99
CA ARG C 54 3.91 12.19 29.42
CA ARG C 54 3.98 12.12 29.41
C ARG C 54 4.54 13.54 29.61
C ARG C 54 4.57 13.48 29.61
N SER C 55 4.13 14.15 30.67
CA SER C 55 4.31 15.60 30.78
C SER C 55 5.72 16.12 31.02
N ASN C 56 6.65 15.27 31.48
CA ASN C 56 8.07 15.62 31.53
C ASN C 56 8.90 14.82 30.54
N ASP C 57 8.28 14.31 29.48
CA ASP C 57 9.00 13.56 28.45
C ASP C 57 8.71 14.15 27.07
N GLY C 58 7.43 14.10 26.68
CA GLY C 58 6.99 14.53 25.36
C GLY C 58 5.75 13.81 24.89
N ALA C 59 5.28 14.17 23.69
CA ALA C 59 4.17 13.48 23.05
C ALA C 59 4.73 12.52 22.03
N TYR C 60 4.30 11.27 22.08
CA TYR C 60 4.83 10.24 21.21
C TYR C 60 4.02 10.19 19.91
N SER C 61 2.72 10.46 20.05
CA SER C 61 1.81 10.30 18.92
C SER C 61 0.50 11.04 19.12
N LEU C 62 -0.21 11.24 18.02
CA LEU C 62 -1.51 11.80 18.07
C LEU C 62 -2.36 11.33 16.90
N VAL C 63 -3.66 11.36 17.12
CA VAL C 63 -4.63 10.98 16.08
C VAL C 63 -5.44 12.22 15.75
N LEU C 64 -5.48 12.59 14.48
CA LEU C 64 -6.31 13.72 14.04
C LEU C 64 -7.67 13.18 13.60
N ALA C 65 -8.74 13.54 14.31
CA ALA C 65 -10.04 13.04 14.01
C ALA C 65 -11.07 14.15 13.90
N GLY C 66 -10.64 15.37 13.61
CA GLY C 66 -11.57 16.48 13.41
C GLY C 66 -11.56 17.47 14.54
N GLY C 67 -11.77 16.93 15.74
CA GLY C 67 -11.70 17.65 17.00
C GLY C 67 -12.23 19.06 17.09
N TYR C 68 -11.49 20.01 16.52
CA TYR C 68 -11.79 21.44 16.70
C TYR C 68 -11.94 22.14 15.37
N GLU C 69 -12.88 23.08 15.29
CA GLU C 69 -13.18 23.74 14.01
C GLU C 69 -12.07 24.69 13.55
N ASP C 70 -11.43 25.43 14.47
CA ASP C 70 -10.37 26.38 14.08
C ASP C 70 -9.05 25.67 13.71
N ASP C 71 -8.99 24.35 13.85
CA ASP C 71 -7.81 23.60 13.38
C ASP C 71 -7.78 23.71 11.83
N VAL C 72 -6.60 23.85 11.21
CA VAL C 72 -6.45 23.80 9.75
C VAL C 72 -5.43 22.77 9.34
N ASP C 73 -5.86 21.80 8.55
CA ASP C 73 -4.98 20.71 8.07
C ASP C 73 -4.49 21.00 6.66
N ASN C 74 -3.20 21.38 6.54
CA ASN C 74 -2.54 21.57 5.26
C ASN C 74 -1.75 20.36 4.80
N GLY C 75 -1.97 19.21 5.44
CA GLY C 75 -1.37 17.95 4.98
C GLY C 75 0.06 17.85 5.46
N ASN C 76 0.97 18.63 4.82
CA ASN C 76 2.38 18.65 5.21
C ASN C 76 2.61 19.42 6.50
N TYR C 77 1.63 20.21 6.93
CA TYR C 77 1.63 20.81 8.24
C TYR C 77 0.18 21.07 8.66
N PHE C 78 -0.04 21.19 9.95
CA PHE C 78 -1.39 21.41 10.44
C PHE C 78 -1.37 22.14 11.74
N THR C 79 -2.48 22.84 12.04
CA THR C 79 -2.62 23.41 13.38
C THR C 79 -3.52 22.53 14.21
N TYR C 80 -3.40 22.66 15.52
CA TYR C 80 -3.88 21.63 16.46
C TYR C 80 -4.20 22.34 17.76
N THR C 81 -5.23 21.88 18.45
CA THR C 81 -5.66 22.49 19.70
C THR C 81 -5.54 21.50 20.85
N GLY C 82 -5.00 21.97 21.97
CA GLY C 82 -4.85 21.15 23.15
C GLY C 82 -6.15 20.77 23.82
N SER C 83 -6.03 20.18 25.00
CA SER C 83 -7.19 19.64 25.74
C SER C 83 -7.42 20.33 27.05
N GLY C 84 -8.57 20.03 27.66
CA GLY C 84 -8.97 20.66 28.91
C GLY C 84 -9.86 21.85 28.67
N GLY C 85 -10.32 22.47 29.76
CA GLY C 85 -11.28 23.56 29.68
C GLY C 85 -12.66 23.08 29.34
N SER C 99 -13.50 27.15 30.84
CA SER C 99 -12.30 27.54 31.57
C SER C 99 -11.04 27.47 30.70
N ASP C 100 -9.99 28.15 31.17
CA ASP C 100 -8.70 28.18 30.46
C ASP C 100 -8.00 26.83 30.45
N GLN C 101 -7.48 26.46 29.29
CA GLN C 101 -6.55 25.32 29.22
C GLN C 101 -5.22 25.72 29.86
N LYS C 102 -4.51 24.73 30.41
CA LYS C 102 -3.22 24.98 31.02
C LYS C 102 -2.13 24.17 30.35
N LEU C 103 -0.88 24.61 30.52
CA LEU C 103 0.26 23.96 29.88
C LEU C 103 0.75 22.89 30.86
N THR C 104 -0.06 21.85 30.99
CA THR C 104 0.16 20.75 31.91
C THR C 104 -0.24 19.47 31.20
N ASN C 105 0.12 18.34 31.78
CA ASN C 105 -0.30 17.05 31.26
C ASN C 105 0.06 16.96 29.79
N ASN C 106 -0.85 16.51 28.91
CA ASN C 106 -0.43 16.31 27.51
C ASN C 106 -0.27 17.61 26.71
N ASN C 107 -0.85 18.71 27.19
CA ASN C 107 -0.54 20.02 26.58
C ASN C 107 0.95 20.34 26.76
N ARG C 108 1.48 20.04 27.93
CA ARG C 108 2.89 20.26 28.23
C ARG C 108 3.75 19.26 27.49
N ALA C 109 3.29 18.01 27.43
CA ALA C 109 3.99 16.96 26.71
C ALA C 109 4.28 17.42 25.28
N LEU C 110 3.24 17.87 24.60
CA LEU C 110 3.38 18.24 23.19
C LEU C 110 4.28 19.46 23.03
N ALA C 111 4.16 20.44 23.93
CA ALA C 111 5.05 21.60 23.90
C ALA C 111 6.52 21.21 24.08
N LEU C 112 6.76 20.23 24.94
CA LEU C 112 8.13 19.73 25.19
C LEU C 112 8.81 19.21 23.90
N ASN C 113 8.04 18.65 22.96
CA ASN C 113 8.60 18.25 21.69
C ASN C 113 9.25 19.39 20.90
N CYS C 114 8.74 20.60 21.08
CA CYS C 114 9.29 21.76 20.37
C CYS C 114 10.76 21.98 20.73
N HIS C 115 11.59 22.30 19.75
CA HIS C 115 13.01 22.54 19.97
C HIS C 115 13.21 23.93 20.60
N SER C 116 12.83 24.04 21.86
CA SER C 116 12.86 25.32 22.59
C SER C 116 12.57 25.00 24.03
N PRO C 117 13.20 25.73 24.97
CA PRO C 117 12.81 25.47 26.35
C PRO C 117 11.32 25.71 26.56
N ILE C 118 10.73 24.98 27.48
CA ILE C 118 9.32 25.15 27.78
C ILE C 118 9.05 26.61 28.20
N ASN C 119 8.03 27.23 27.61
CA ASN C 119 7.73 28.63 27.87
C ASN C 119 6.25 28.77 28.11
N GLU C 120 5.90 29.20 29.31
CA GLU C 120 4.51 29.57 29.59
C GLU C 120 3.70 30.49 28.68
N LYS C 121 4.40 31.31 27.92
CA LYS C 121 3.77 32.23 26.99
C LYS C 121 3.74 31.65 25.58
N GLY C 122 4.28 30.44 25.42
CA GLY C 122 4.37 29.82 24.09
C GLY C 122 5.76 30.04 23.54
N ALA C 123 6.10 29.30 22.49
CA ALA C 123 7.41 29.43 21.87
C ALA C 123 7.40 28.92 20.44
N GLU C 124 8.45 29.30 19.72
CA GLU C 124 8.74 28.83 18.40
C GLU C 124 10.09 28.10 18.44
N ALA C 125 10.23 27.08 17.60
CA ALA C 125 11.44 26.26 17.58
C ALA C 125 12.62 27.01 17.03
N GLU C 126 13.79 26.73 17.59
CA GLU C 126 15.03 27.31 17.11
C GLU C 126 15.38 26.64 15.80
N ASP C 127 15.53 25.32 15.85
CA ASP C 127 15.67 24.51 14.65
C ASP C 127 14.64 23.40 14.77
N TRP C 128 13.54 23.56 14.07
CA TRP C 128 12.34 22.75 14.35
C TRP C 128 12.58 21.26 14.12
N ARG C 129 13.49 20.93 13.21
CA ARG C 129 13.79 19.51 12.91
C ARG C 129 14.55 18.77 13.99
N GLN C 130 15.13 19.49 14.94
CA GLN C 130 15.79 18.88 16.08
C GLN C 130 14.84 18.60 17.22
N GLY C 131 13.55 18.95 17.06
CA GLY C 131 12.55 18.68 18.08
C GLY C 131 12.26 17.19 18.14
N LYS C 132 11.55 16.74 19.16
CA LYS C 132 11.23 15.33 19.26
C LYS C 132 10.11 15.00 18.28
N PRO C 133 10.21 13.84 17.63
CA PRO C 133 9.23 13.45 16.60
C PRO C 133 7.88 13.08 17.21
N VAL C 134 6.80 13.35 16.47
CA VAL C 134 5.46 12.94 16.80
C VAL C 134 4.93 12.07 15.67
N ARG C 135 4.49 10.86 15.97
CA ARG C 135 3.80 10.00 15.00
C ARG C 135 2.38 10.52 14.78
N VAL C 136 1.98 10.73 13.52
CA VAL C 136 0.64 11.30 13.25
C VAL C 136 -0.21 10.29 12.47
N VAL C 137 -1.36 10.00 13.04
CA VAL C 137 -2.36 9.16 12.39
C VAL C 137 -3.54 10.05 12.07
N ARG C 138 -4.08 9.94 10.86
CA ARG C 138 -5.34 10.62 10.50
C ARG C 138 -6.48 9.61 10.48
N ASN C 139 -7.56 9.97 11.15
CA ASN C 139 -8.74 9.11 11.23
C ASN C 139 -9.85 9.67 10.31
N MET C 140 -10.72 8.80 9.83
CA MET C 140 -11.76 9.23 8.87
C MET C 140 -12.64 10.36 9.35
N LYS C 141 -12.83 10.44 10.67
CA LYS C 141 -13.68 11.48 11.22
C LYS C 141 -13.10 12.89 11.02
N GLY C 142 -11.81 12.96 10.72
CA GLY C 142 -11.18 14.21 10.30
C GLY C 142 -11.71 14.80 9.00
N GLY C 143 -12.42 14.01 8.19
CA GLY C 143 -12.80 14.40 6.84
C GLY C 143 -13.83 15.51 6.80
N LYS C 144 -14.48 15.76 7.93
CA LYS C 144 -15.40 16.85 8.06
C LYS C 144 -14.68 18.18 7.88
N HIS C 145 -13.48 18.30 8.42
CA HIS C 145 -12.73 19.55 8.28
C HIS C 145 -11.43 19.47 7.47
N SER C 146 -10.99 18.28 7.08
CA SER C 146 -9.73 18.13 6.33
C SER C 146 -9.90 17.31 5.07
N LYS C 147 -9.30 17.76 3.97
CA LYS C 147 -9.29 16.97 2.75
C LYS C 147 -8.25 15.87 2.76
N TYR C 148 -7.42 15.86 3.80
CA TYR C 148 -6.37 14.83 3.86
C TYR C 148 -6.76 13.59 4.64
N ALA C 149 -7.88 13.63 5.34
CA ALA C 149 -8.31 12.47 6.13
C ALA C 149 -8.62 11.31 5.19
N PRO C 150 -8.31 10.07 5.62
CA PRO C 150 -8.72 8.92 4.84
C PRO C 150 -10.25 8.77 4.79
N ALA C 151 -10.76 8.13 3.73
CA ALA C 151 -12.20 7.95 3.63
C ALA C 151 -12.73 7.01 4.71
N GLU C 152 -11.88 6.05 5.11
CA GLU C 152 -12.25 5.03 6.10
C GLU C 152 -11.12 4.76 7.06
N GLY C 153 -11.44 4.43 8.31
CA GLY C 153 -10.42 3.97 9.25
C GLY C 153 -9.34 4.98 9.60
N ASN C 154 -8.11 4.48 9.66
CA ASN C 154 -6.99 5.21 10.24
C ASN C 154 -5.80 5.02 9.34
N ARG C 155 -4.97 6.05 9.15
CA ARG C 155 -3.83 5.94 8.26
C ARG C 155 -2.65 6.64 8.90
N TYR C 156 -1.50 5.97 8.90
CA TYR C 156 -0.26 6.53 9.45
C TYR C 156 0.41 7.42 8.43
N ASP C 157 0.50 8.71 8.75
CA ASP C 157 1.02 9.70 7.82
C ASP C 157 2.44 10.13 8.08
N GLY C 158 3.05 9.60 9.13
CA GLY C 158 4.46 9.79 9.37
C GLY C 158 4.81 10.72 10.51
N ILE C 159 6.07 11.16 10.54
CA ILE C 159 6.61 11.95 11.62
C ILE C 159 6.39 13.43 11.37
N TYR C 160 5.89 14.11 12.40
CA TYR C 160 5.79 15.55 12.41
C TYR C 160 6.49 16.12 13.65
N LYS C 161 6.79 17.40 13.60
CA LYS C 161 7.46 18.09 14.69
C LYS C 161 6.78 19.40 15.03
N VAL C 162 6.85 19.79 16.30
CA VAL C 162 6.17 20.98 16.80
C VAL C 162 7.02 22.21 16.47
N VAL C 163 6.51 23.04 15.58
CA VAL C 163 7.21 24.23 15.14
C VAL C 163 7.01 25.40 16.10
N LYS C 164 5.81 25.46 16.69
CA LYS C 164 5.39 26.58 17.47
C LYS C 164 4.19 26.14 18.30
N TYR C 165 4.06 26.71 19.49
CA TYR C 165 2.87 26.54 20.29
C TYR C 165 2.58 27.88 20.95
N TRP C 166 1.30 28.19 21.05
CA TRP C 166 0.92 29.51 21.54
C TRP C 166 -0.45 29.47 22.17
N PRO C 167 -0.69 30.33 23.16
CA PRO C 167 -2.02 30.44 23.70
C PRO C 167 -2.85 31.44 22.89
N GLU C 168 -4.15 31.20 22.79
CA GLU C 168 -4.99 32.24 22.23
C GLU C 168 -6.37 32.20 22.86
N ARG C 169 -6.90 33.39 23.11
CA ARG C 169 -8.21 33.56 23.73
C ARG C 169 -9.26 33.63 22.63
N GLY C 170 -10.22 32.71 22.68
CA GLY C 170 -11.33 32.73 21.73
C GLY C 170 -12.36 33.78 22.04
N LYS C 171 -13.45 33.74 21.28
CA LYS C 171 -14.59 34.64 21.42
C LYS C 171 -15.16 34.53 22.83
N SER C 172 -15.29 33.28 23.31
CA SER C 172 -15.70 32.97 24.68
C SER C 172 -14.93 33.76 25.72
N GLY C 173 -13.64 33.95 25.46
CA GLY C 173 -12.75 34.69 26.35
C GLY C 173 -11.78 33.78 27.08
N PHE C 174 -11.85 32.48 26.78
CA PHE C 174 -11.01 31.49 27.44
C PHE C 174 -9.81 31.09 26.56
N LEU C 175 -8.70 30.81 27.22
CA LEU C 175 -7.44 30.42 26.59
C LEU C 175 -7.50 28.96 26.14
N VAL C 176 -7.03 28.71 24.92
CA VAL C 176 -6.77 27.36 24.47
C VAL C 176 -5.33 27.29 24.04
N TRP C 177 -4.69 26.13 24.17
CA TRP C 177 -3.31 25.96 23.69
C TRP C 177 -3.33 25.48 22.24
N ARG C 178 -2.56 26.15 21.39
CA ARG C 178 -2.48 25.82 19.97
C ARG C 178 -1.07 25.41 19.61
N TYR C 179 -0.99 24.56 18.59
CA TYR C 179 0.26 23.96 18.12
C TYR C 179 0.27 23.97 16.59
N LEU C 180 1.44 24.22 16.03
CA LEU C 180 1.68 24.04 14.60
C LEU C 180 2.67 22.92 14.45
N LEU C 181 2.26 21.86 13.74
CA LEU C 181 3.11 20.69 13.46
C LEU C 181 3.44 20.64 12.00
N ARG C 182 4.70 20.31 11.71
CA ARG C 182 5.21 20.26 10.34
C ARG C 182 5.88 18.93 10.08
N ARG C 183 5.62 18.38 8.90
CA ARG C 183 6.10 17.02 8.58
C ARG C 183 7.60 16.97 8.38
N ASP C 184 8.24 15.94 8.91
CA ASP C 184 9.68 15.73 8.80
C ASP C 184 9.89 14.22 8.64
N ASP C 185 9.71 13.75 7.42
CA ASP C 185 9.69 12.34 7.10
C ASP C 185 10.05 12.14 5.61
N THR C 186 11.01 11.24 5.34
CA THR C 186 11.46 11.06 3.99
C THR C 186 10.48 10.20 3.19
N GLU C 187 9.62 9.45 3.87
CA GLU C 187 8.63 8.64 3.18
C GLU C 187 7.56 9.59 2.66
N PRO C 188 7.19 9.46 1.36
CA PRO C 188 6.20 10.41 0.78
C PRO C 188 4.83 10.39 1.46
N GLU C 189 4.16 11.54 1.44
CA GLU C 189 2.79 11.64 2.01
C GLU C 189 1.86 10.66 1.28
N PRO C 190 1.03 9.90 2.01
CA PRO C 190 0.18 8.92 1.33
C PRO C 190 -0.76 9.40 0.24
N TRP C 191 -1.04 10.69 0.22
CA TRP C 191 -2.05 11.24 -0.72
C TRP C 191 -1.40 11.75 -2.00
N THR C 192 -0.08 11.73 -2.04
CA THR C 192 0.65 12.21 -3.23
C THR C 192 0.82 11.07 -4.20
N ARG C 193 1.15 11.39 -5.44
CA ARG C 193 1.40 10.34 -6.42
C ARG C 193 2.50 9.42 -5.94
N GLU C 194 3.57 10.00 -5.39
CA GLU C 194 4.71 9.18 -4.89
C GLU C 194 4.29 8.25 -3.75
N GLY C 195 3.48 8.77 -2.85
CA GLY C 195 2.95 7.97 -1.74
C GLY C 195 1.97 6.90 -2.16
N LYS C 196 1.04 7.24 -3.06
CA LYS C 196 0.16 6.23 -3.64
C LYS C 196 0.95 5.12 -4.31
N ASP C 197 2.02 5.49 -5.04
CA ASP C 197 2.83 4.50 -5.72
C ASP C 197 3.54 3.58 -4.69
N ARG C 198 4.03 4.16 -3.61
CA ARG C 198 4.71 3.37 -2.60
C ARG C 198 3.75 2.47 -1.83
N THR C 199 2.58 2.99 -1.48
CA THR C 199 1.53 2.16 -0.90
C THR C 199 1.24 0.90 -1.74
N ARG C 200 1.13 1.06 -3.05
CA ARG C 200 0.84 -0.08 -3.93
C ARG C 200 2.05 -0.99 -4.00
N GLN C 201 3.24 -0.39 -4.09
CA GLN C 201 4.49 -1.14 -4.20
C GLN C 201 4.67 -2.05 -3.01
N LEU C 202 4.33 -1.55 -1.83
CA LEU C 202 4.56 -2.24 -0.60
C LEU C 202 3.39 -3.17 -0.27
N GLY C 203 2.26 -2.98 -0.94
CA GLY C 203 1.10 -3.82 -0.75
C GLY C 203 0.28 -3.46 0.46
N LEU C 204 0.26 -2.19 0.82
CA LEU C 204 -0.42 -1.80 2.01
C LEU C 204 -1.91 -1.78 1.68
N THR C 205 -2.70 -2.36 2.57
CA THR C 205 -4.15 -2.37 2.42
C THR C 205 -4.78 -2.23 3.80
N MET C 206 -6.04 -1.82 3.83
CA MET C 206 -6.71 -1.65 5.11
C MET C 206 -6.58 -2.94 5.94
N GLN C 207 -5.98 -2.80 7.12
CA GLN C 207 -5.81 -3.90 8.07
C GLN C 207 -7.03 -4.06 8.99
N CYS D 12 -24.73 22.77 -25.10
CA CYS D 12 -24.76 21.47 -25.82
C CYS D 12 -25.73 21.51 -27.01
N THR D 13 -25.24 21.14 -28.19
CA THR D 13 -26.10 20.97 -29.36
C THR D 13 -26.18 19.50 -29.80
N ILE D 14 -25.47 18.62 -29.10
CA ILE D 14 -25.58 17.18 -29.30
C ILE D 14 -27.03 16.71 -29.11
N VAL D 15 -27.71 17.31 -28.14
CA VAL D 15 -29.12 17.08 -27.90
C VAL D 15 -29.83 18.38 -27.52
N PRO D 16 -31.16 18.45 -27.68
CA PRO D 16 -31.95 19.61 -27.27
C PRO D 16 -32.05 19.66 -25.75
N ALA D 17 -32.34 20.85 -25.19
CA ALA D 17 -32.44 21.06 -23.74
C ALA D 17 -33.51 20.22 -23.05
N ASN D 18 -34.49 19.71 -23.79
CA ASN D 18 -35.56 18.87 -23.23
C ASN D 18 -35.28 17.37 -23.35
N HIS D 19 -34.02 17.01 -23.63
CA HIS D 19 -33.62 15.62 -23.79
C HIS D 19 -33.67 14.87 -22.47
N PHE D 20 -34.41 13.76 -22.43
CA PHE D 20 -34.34 12.84 -21.30
C PHE D 20 -33.35 11.72 -21.62
N GLY D 21 -32.52 11.38 -20.66
CA GLY D 21 -31.60 10.27 -20.80
C GLY D 21 -30.16 10.68 -20.93
N PRO D 22 -29.28 9.69 -21.15
CA PRO D 22 -27.86 9.97 -21.25
C PRO D 22 -27.47 10.83 -22.45
N ILE D 23 -26.38 11.58 -22.31
CA ILE D 23 -25.89 12.43 -23.38
C ILE D 23 -24.94 11.57 -24.21
N PRO D 24 -25.21 11.45 -25.53
CA PRO D 24 -24.28 10.68 -26.35
C PRO D 24 -22.87 11.20 -26.19
N GLY D 25 -21.92 10.28 -25.98
CA GLY D 25 -20.51 10.64 -25.89
C GLY D 25 -20.07 11.08 -24.50
N VAL D 26 -20.98 11.10 -23.54
CA VAL D 26 -20.62 11.40 -22.17
C VAL D 26 -20.83 10.18 -21.27
N PRO D 27 -19.79 9.34 -21.10
CA PRO D 27 -19.92 8.13 -20.29
C PRO D 27 -20.06 8.36 -18.80
N VAL D 28 -20.72 7.43 -18.13
CA VAL D 28 -20.73 7.36 -16.68
C VAL D 28 -19.27 7.41 -16.19
N GLY D 29 -19.01 8.19 -15.15
CA GLY D 29 -17.65 8.41 -14.63
C GLY D 29 -16.93 9.67 -15.12
N THR D 30 -17.50 10.35 -16.12
CA THR D 30 -16.97 11.62 -16.61
C THR D 30 -16.90 12.62 -15.47
N MET D 31 -15.81 13.40 -15.40
CA MET D 31 -15.59 14.33 -14.28
C MET D 31 -15.29 15.72 -14.81
N TRP D 32 -15.82 16.74 -14.16
CA TRP D 32 -15.54 18.13 -14.52
C TRP D 32 -15.24 18.92 -13.27
N ARG D 33 -14.26 19.81 -13.34
CA ARG D 33 -13.92 20.61 -12.19
C ARG D 33 -15.00 21.66 -11.88
N PHE D 34 -15.67 22.18 -12.92
CA PHE D 34 -16.57 23.32 -12.78
C PHE D 34 -17.94 23.01 -13.38
N ARG D 35 -18.96 23.62 -12.80
CA ARG D 35 -20.34 23.47 -13.24
C ARG D 35 -20.54 23.96 -14.67
N VAL D 36 -19.79 24.98 -15.08
CA VAL D 36 -19.95 25.51 -16.43
C VAL D 36 -19.61 24.41 -17.45
N GLN D 37 -18.63 23.56 -17.12
CA GLN D 37 -18.23 22.49 -18.03
C GLN D 37 -19.28 21.38 -18.01
N VAL D 38 -19.85 21.15 -16.84
CA VAL D 38 -20.94 20.18 -16.73
C VAL D 38 -22.11 20.63 -17.62
N SER D 39 -22.38 21.92 -17.61
CA SER D 39 -23.46 22.48 -18.42
C SER D 39 -23.16 22.39 -19.92
N GLU D 40 -21.93 22.71 -20.32
CA GLU D 40 -21.51 22.63 -21.72
C GLU D 40 -21.60 21.22 -22.28
N SER D 41 -21.42 20.22 -21.41
CA SER D 41 -21.49 18.82 -21.83
C SER D 41 -22.91 18.40 -22.17
N GLY D 42 -23.89 19.14 -21.64
CA GLY D 42 -25.31 18.85 -21.80
C GLY D 42 -25.87 18.02 -20.65
N VAL D 43 -25.01 17.52 -19.76
CA VAL D 43 -25.47 16.64 -18.65
C VAL D 43 -26.36 17.35 -17.63
N HIS D 44 -25.98 18.53 -17.19
CA HIS D 44 -26.81 19.36 -16.30
C HIS D 44 -26.68 20.79 -16.77
N ARG D 45 -27.66 21.28 -17.50
CA ARG D 45 -27.52 22.55 -18.17
C ARG D 45 -27.48 23.79 -17.25
N PRO D 46 -28.31 23.84 -16.19
CA PRO D 46 -28.30 25.02 -15.31
C PRO D 46 -26.91 25.24 -14.73
N HIS D 47 -26.43 26.47 -14.80
CA HIS D 47 -25.13 26.79 -14.22
C HIS D 47 -25.13 26.78 -12.69
N VAL D 48 -26.27 27.05 -12.05
CA VAL D 48 -26.37 27.19 -10.59
C VAL D 48 -27.40 26.25 -9.96
N ALA D 49 -28.63 26.26 -10.45
CA ALA D 49 -29.72 25.47 -9.86
C ALA D 49 -29.31 24.00 -9.88
N GLY D 50 -29.69 23.28 -8.83
CA GLY D 50 -29.36 21.86 -8.70
C GLY D 50 -30.29 20.90 -9.39
N ILE D 51 -31.33 21.41 -10.06
CA ILE D 51 -32.26 20.58 -10.80
C ILE D 51 -32.65 21.32 -12.08
N HIS D 52 -32.82 20.56 -13.14
CA HIS D 52 -33.28 21.05 -14.42
C HIS D 52 -34.54 20.34 -14.75
N GLY D 53 -35.64 21.09 -14.89
CA GLY D 53 -36.88 20.47 -15.30
C GLY D 53 -37.92 21.46 -15.81
N ARG D 54 -39.07 20.93 -16.22
CA ARG D 54 -40.25 21.76 -16.57
C ARG D 54 -41.46 21.09 -15.97
N SER D 55 -42.35 21.89 -15.38
CA SER D 55 -43.39 21.38 -14.47
C SER D 55 -44.40 20.43 -15.07
N ASN D 56 -44.64 20.47 -16.38
CA ASN D 56 -45.46 19.41 -16.96
C ASN D 56 -44.73 18.67 -18.08
N ASP D 57 -43.44 18.40 -17.84
CA ASP D 57 -42.64 17.51 -18.70
C ASP D 57 -41.95 16.47 -17.81
N GLY D 58 -41.09 16.96 -16.93
CA GLY D 58 -40.25 16.10 -16.09
C GLY D 58 -38.96 16.82 -15.69
N ALA D 59 -38.18 16.17 -14.85
CA ALA D 59 -36.85 16.63 -14.50
C ALA D 59 -35.82 15.89 -15.35
N TYR D 60 -34.95 16.64 -16.02
CA TYR D 60 -33.95 16.05 -16.91
C TYR D 60 -32.71 15.60 -16.14
N SER D 61 -32.35 16.34 -15.10
CA SER D 61 -31.08 16.12 -14.44
C SER D 61 -31.08 16.77 -13.08
N LEU D 62 -30.16 16.33 -12.24
CA LEU D 62 -29.95 16.98 -10.98
C LEU D 62 -28.51 16.83 -10.50
N VAL D 63 -28.08 17.74 -9.67
CA VAL D 63 -26.73 17.71 -9.10
C VAL D 63 -26.91 17.55 -7.61
N LEU D 64 -26.30 16.53 -7.01
CA LEU D 64 -26.36 16.36 -5.57
C LEU D 64 -25.15 17.06 -4.96
N ALA D 65 -25.38 18.05 -4.09
CA ALA D 65 -24.28 18.82 -3.48
C ALA D 65 -24.41 18.98 -1.97
N GLY D 66 -25.10 18.04 -1.33
CA GLY D 66 -25.40 18.18 0.11
C GLY D 66 -26.71 17.48 0.35
N GLY D 67 -27.16 17.46 1.58
CA GLY D 67 -28.45 16.84 1.88
C GLY D 67 -28.88 17.34 3.25
N TYR D 68 -30.17 17.21 3.53
CA TYR D 68 -30.69 17.53 4.83
C TYR D 68 -30.55 16.27 5.66
N GLU D 69 -30.72 16.44 6.96
CA GLU D 69 -30.67 15.36 7.92
C GLU D 69 -31.43 14.12 7.48
N ASP D 70 -32.56 14.30 6.82
CA ASP D 70 -33.38 13.14 6.47
C ASP D 70 -33.08 12.61 5.06
N ASP D 71 -32.25 13.31 4.32
CA ASP D 71 -31.77 12.83 3.00
C ASP D 71 -30.65 11.84 3.28
N VAL D 72 -30.58 10.78 2.50
CA VAL D 72 -29.58 9.76 2.70
C VAL D 72 -29.15 9.25 1.35
N ASP D 73 -27.87 9.26 1.10
CA ASP D 73 -27.32 8.82 -0.17
C ASP D 73 -26.75 7.43 0.01
N ASN D 74 -27.42 6.45 -0.61
CA ASN D 74 -26.99 5.07 -0.59
C ASN D 74 -26.29 4.62 -1.86
N GLY D 75 -25.93 5.59 -2.71
CA GLY D 75 -25.13 5.32 -3.92
C GLY D 75 -26.05 4.87 -5.02
N ASN D 76 -26.48 3.61 -4.95
CA ASN D 76 -27.41 3.07 -5.96
C ASN D 76 -28.83 3.63 -5.88
N TYR D 77 -29.15 4.24 -4.74
CA TYR D 77 -30.39 4.95 -4.54
C TYR D 77 -30.13 5.99 -3.47
N PHE D 78 -30.97 7.00 -3.47
CA PHE D 78 -30.83 8.12 -2.55
C PHE D 78 -32.15 8.83 -2.32
N THR D 79 -32.32 9.44 -1.14
CA THR D 79 -33.46 10.29 -0.92
C THR D 79 -33.03 11.73 -1.14
N TYR D 80 -34.01 12.58 -1.42
CA TYR D 80 -33.79 13.91 -1.95
C TYR D 80 -34.94 14.78 -1.50
N THR D 81 -34.68 16.07 -1.34
CA THR D 81 -35.70 17.00 -0.86
C THR D 81 -35.94 18.09 -1.90
N GLY D 82 -37.20 18.43 -2.14
CA GLY D 82 -37.56 19.51 -3.08
C GLY D 82 -37.27 20.90 -2.55
N SER D 83 -37.76 21.90 -3.28
CA SER D 83 -37.38 23.29 -3.04
C SER D 83 -38.59 24.12 -2.64
N GLY D 84 -38.31 25.31 -2.09
CA GLY D 84 -39.36 26.21 -1.67
C GLY D 84 -39.50 26.24 -0.16
N GLY D 85 -40.38 27.10 0.33
CA GLY D 85 -40.68 27.19 1.77
C GLY D 85 -39.70 28.08 2.50
N GLN D 97 -38.87 25.98 5.78
CA GLN D 97 -38.87 26.36 7.18
C GLN D 97 -39.86 27.46 7.51
N SER D 98 -40.21 28.32 6.55
CA SER D 98 -41.16 29.41 6.76
C SER D 98 -42.56 29.10 6.23
N SER D 99 -42.64 28.19 5.25
CA SER D 99 -43.92 27.87 4.63
C SER D 99 -43.90 26.50 3.95
N ASP D 100 -45.08 26.00 3.60
CA ASP D 100 -45.18 24.68 2.95
C ASP D 100 -44.57 24.71 1.55
N GLN D 101 -43.81 23.68 1.22
CA GLN D 101 -43.42 23.43 -0.17
C GLN D 101 -44.65 22.95 -0.92
N LYS D 102 -44.65 23.14 -2.25
CA LYS D 102 -45.81 22.85 -3.07
C LYS D 102 -45.40 21.94 -4.21
N LEU D 103 -46.32 21.12 -4.68
CA LEU D 103 -46.06 20.23 -5.83
C LEU D 103 -46.26 21.01 -7.13
N THR D 104 -45.35 21.96 -7.33
CA THR D 104 -45.38 22.87 -8.44
C THR D 104 -43.96 23.00 -8.97
N ASN D 105 -43.81 23.61 -10.13
CA ASN D 105 -42.49 23.93 -10.66
C ASN D 105 -41.61 22.67 -10.66
N ASN D 106 -40.35 22.75 -10.20
CA ASN D 106 -39.47 21.56 -10.34
C ASN D 106 -39.82 20.45 -9.38
N ASN D 107 -40.52 20.76 -8.29
CA ASN D 107 -41.05 19.69 -7.45
C ASN D 107 -42.04 18.80 -8.22
N ARG D 108 -42.92 19.43 -8.99
CA ARG D 108 -43.83 18.71 -9.83
C ARG D 108 -43.11 18.01 -10.93
N ALA D 109 -42.15 18.73 -11.54
CA ALA D 109 -41.30 18.14 -12.59
C ALA D 109 -40.73 16.80 -12.15
N LEU D 110 -40.06 16.75 -11.01
CA LEU D 110 -39.38 15.53 -10.63
C LEU D 110 -40.41 14.43 -10.32
N ALA D 111 -41.56 14.82 -9.79
CA ALA D 111 -42.59 13.86 -9.49
C ALA D 111 -43.18 13.23 -10.76
N LEU D 112 -43.29 14.05 -11.81
CA LEU D 112 -43.78 13.56 -13.10
C LEU D 112 -42.93 12.43 -13.68
N ASN D 113 -41.64 12.41 -13.33
CA ASN D 113 -40.78 11.31 -13.74
C ASN D 113 -41.22 9.95 -13.21
N CYS D 114 -41.87 9.94 -12.05
CA CYS D 114 -42.30 8.69 -11.41
C CYS D 114 -43.34 8.02 -12.27
N HIS D 115 -43.29 6.69 -12.38
CA HIS D 115 -44.24 5.97 -13.20
C HIS D 115 -45.56 5.83 -12.46
N SER D 116 -46.26 6.95 -12.38
CA SER D 116 -47.53 7.05 -11.68
C SER D 116 -48.15 8.38 -12.07
N PRO D 117 -49.49 8.46 -12.09
CA PRO D 117 -50.05 9.78 -12.35
C PRO D 117 -49.74 10.74 -11.20
N ILE D 118 -49.65 12.01 -11.51
CA ILE D 118 -49.32 13.02 -10.53
C ILE D 118 -50.35 12.96 -9.38
N ASN D 119 -49.85 12.85 -8.15
CA ASN D 119 -50.71 12.71 -6.97
C ASN D 119 -50.28 13.70 -5.90
N GLU D 120 -51.21 14.57 -5.50
CA GLU D 120 -50.93 15.59 -4.51
C GLU D 120 -50.57 14.99 -3.14
N LYS D 121 -50.91 13.72 -2.92
CA LYS D 121 -50.60 13.00 -1.68
C LYS D 121 -49.30 12.18 -1.76
N GLY D 122 -48.69 12.19 -2.93
CA GLY D 122 -47.47 11.41 -3.17
C GLY D 122 -47.83 10.12 -3.85
N ALA D 123 -46.84 9.39 -4.36
CA ALA D 123 -47.09 8.17 -5.10
C ALA D 123 -45.82 7.32 -5.18
N GLU D 124 -46.01 6.01 -5.36
CA GLU D 124 -44.96 5.06 -5.68
C GLU D 124 -45.13 4.58 -7.12
N ALA D 125 -44.01 4.31 -7.80
CA ALA D 125 -44.05 3.92 -9.21
C ALA D 125 -44.70 2.57 -9.33
N GLU D 126 -45.42 2.39 -10.43
CA GLU D 126 -46.04 1.10 -10.72
C GLU D 126 -44.93 0.16 -11.20
N ASP D 127 -44.27 0.54 -12.29
CA ASP D 127 -43.05 -0.12 -12.73
C ASP D 127 -42.00 0.97 -12.79
N TRP D 128 -41.13 0.99 -11.78
CA TRP D 128 -40.17 2.12 -11.63
C TRP D 128 -39.30 2.36 -12.87
N ARG D 129 -38.93 1.29 -13.58
CA ARG D 129 -38.04 1.42 -14.74
C ARG D 129 -38.73 2.11 -15.92
N GLN D 130 -40.06 2.18 -15.86
CA GLN D 130 -40.83 2.85 -16.90
C GLN D 130 -40.92 4.35 -16.69
N GLY D 131 -40.40 4.84 -15.56
CA GLY D 131 -40.35 6.27 -15.32
C GLY D 131 -39.34 6.96 -16.22
N LYS D 132 -39.47 8.28 -16.33
CA LYS D 132 -38.55 9.07 -17.13
C LYS D 132 -37.17 9.11 -16.44
N PRO D 133 -36.08 8.96 -17.22
CA PRO D 133 -34.75 8.96 -16.65
C PRO D 133 -34.34 10.35 -16.15
N VAL D 134 -33.52 10.37 -15.09
CA VAL D 134 -32.89 11.57 -14.56
C VAL D 134 -31.40 11.40 -14.61
N ARG D 135 -30.66 12.30 -15.26
CA ARG D 135 -29.19 12.23 -15.20
C ARG D 135 -28.74 12.74 -13.82
N VAL D 136 -27.87 12.02 -13.15
CA VAL D 136 -27.44 12.41 -11.81
C VAL D 136 -25.93 12.69 -11.78
N VAL D 137 -25.61 13.89 -11.34
CA VAL D 137 -24.24 14.30 -11.11
C VAL D 137 -24.06 14.47 -9.59
N ARG D 138 -22.93 14.01 -9.07
CA ARG D 138 -22.54 14.27 -7.68
C ARG D 138 -21.40 15.28 -7.64
N ASN D 139 -21.57 16.29 -6.78
CA ASN D 139 -20.60 17.37 -6.59
C ASN D 139 -19.90 17.17 -5.26
N MET D 140 -18.65 17.61 -5.20
CA MET D 140 -17.80 17.46 -4.02
C MET D 140 -18.41 17.98 -2.73
N LYS D 141 -19.27 19.01 -2.81
CA LYS D 141 -19.88 19.56 -1.60
C LYS D 141 -20.85 18.59 -0.94
N GLY D 142 -21.25 17.56 -1.67
CA GLY D 142 -22.04 16.49 -1.06
C GLY D 142 -21.29 15.60 -0.10
N GLY D 143 -19.95 15.72 -0.08
CA GLY D 143 -19.07 14.87 0.71
C GLY D 143 -19.23 14.93 2.22
N LYS D 144 -19.75 16.01 2.73
CA LYS D 144 -20.03 16.14 4.18
C LYS D 144 -21.18 15.20 4.58
N HIS D 145 -22.10 15.00 3.65
CA HIS D 145 -23.33 14.25 3.86
C HIS D 145 -23.25 12.83 3.31
N SER D 146 -22.39 12.60 2.31
CA SER D 146 -22.41 11.37 1.56
C SER D 146 -21.05 10.81 1.27
N LYS D 147 -20.86 9.52 1.51
CA LYS D 147 -19.59 8.88 1.16
C LYS D 147 -19.35 8.67 -0.32
N TYR D 148 -20.38 8.89 -1.12
CA TYR D 148 -20.29 8.66 -2.54
C TYR D 148 -19.90 9.91 -3.32
N ALA D 149 -19.91 11.06 -2.69
CA ALA D 149 -19.54 12.30 -3.41
C ALA D 149 -18.08 12.24 -3.84
N PRO D 150 -17.73 12.83 -5.00
CA PRO D 150 -16.33 12.88 -5.39
C PRO D 150 -15.55 13.83 -4.48
N ALA D 151 -14.25 13.58 -4.36
CA ALA D 151 -13.40 14.42 -3.54
C ALA D 151 -13.28 15.86 -4.08
N GLU D 152 -13.26 15.99 -5.40
CA GLU D 152 -13.23 17.30 -6.05
C GLU D 152 -14.17 17.37 -7.26
N GLY D 153 -14.66 18.56 -7.57
CA GLY D 153 -15.42 18.78 -8.79
C GLY D 153 -16.77 18.05 -8.82
N ASN D 154 -17.10 17.61 -10.04
CA ASN D 154 -18.37 17.02 -10.38
C ASN D 154 -18.17 15.72 -11.14
N ARG D 155 -19.07 14.77 -10.95
CA ARG D 155 -18.93 13.46 -11.58
C ARG D 155 -20.28 12.91 -12.01
N TYR D 156 -20.37 12.43 -13.26
CA TYR D 156 -21.61 11.93 -13.82
C TYR D 156 -21.75 10.49 -13.40
N ASP D 157 -22.81 10.21 -12.65
CA ASP D 157 -23.02 8.86 -12.06
C ASP D 157 -24.04 7.99 -12.76
N GLY D 158 -24.70 8.56 -13.77
CA GLY D 158 -25.60 7.80 -14.59
C GLY D 158 -27.07 8.10 -14.38
N ILE D 159 -27.89 7.21 -14.93
CA ILE D 159 -29.33 7.41 -14.98
C ILE D 159 -30.01 6.92 -13.72
N TYR D 160 -30.85 7.75 -13.13
CA TYR D 160 -31.67 7.29 -12.02
C TYR D 160 -33.14 7.48 -12.34
N LYS D 161 -34.00 6.80 -11.60
CA LYS D 161 -35.45 6.91 -11.79
C LYS D 161 -36.16 7.12 -10.46
N VAL D 162 -37.29 7.85 -10.52
CA VAL D 162 -38.00 8.24 -9.32
C VAL D 162 -38.92 7.08 -8.91
N VAL D 163 -38.61 6.47 -7.78
CA VAL D 163 -39.36 5.33 -7.25
C VAL D 163 -40.60 5.74 -6.48
N LYS D 164 -40.49 6.87 -5.78
CA LYS D 164 -41.50 7.30 -4.82
C LYS D 164 -41.30 8.76 -4.56
N TYR D 165 -42.39 9.48 -4.34
CA TYR D 165 -42.32 10.81 -3.76
C TYR D 165 -43.44 10.97 -2.74
N TRP D 166 -43.18 11.79 -1.72
CA TRP D 166 -44.12 11.94 -0.61
C TRP D 166 -43.91 13.26 0.11
N PRO D 167 -44.99 13.81 0.67
CA PRO D 167 -44.91 15.00 1.52
C PRO D 167 -44.70 14.62 2.98
N GLU D 168 -43.92 15.41 3.71
CA GLU D 168 -43.78 15.18 5.15
C GLU D 168 -43.55 16.48 5.90
N ARG D 169 -44.21 16.60 7.04
CA ARG D 169 -44.15 17.79 7.86
C ARG D 169 -43.01 17.64 8.85
N GLY D 170 -42.01 18.53 8.73
CA GLY D 170 -40.92 18.55 9.69
C GLY D 170 -41.22 19.13 11.02
N LYS D 171 -40.20 19.12 11.90
CA LYS D 171 -40.34 19.75 13.21
C LYS D 171 -40.79 21.20 13.16
N SER D 172 -40.45 21.92 12.09
CA SER D 172 -40.87 23.32 11.87
C SER D 172 -42.38 23.44 11.75
N GLY D 173 -43.02 22.34 11.40
CA GLY D 173 -44.45 22.31 11.18
C GLY D 173 -44.80 22.43 9.71
N PHE D 174 -43.79 22.63 8.87
CA PHE D 174 -44.03 22.88 7.47
C PHE D 174 -43.69 21.66 6.63
N LEU D 175 -44.46 21.49 5.56
CA LEU D 175 -44.31 20.31 4.75
C LEU D 175 -43.21 20.49 3.72
N VAL D 176 -42.48 19.41 3.47
CA VAL D 176 -41.49 19.38 2.41
C VAL D 176 -41.77 18.19 1.51
N TRP D 177 -41.41 18.31 0.24
CA TRP D 177 -41.54 17.22 -0.71
C TRP D 177 -40.25 16.42 -0.73
N ARG D 178 -40.41 15.09 -0.67
CA ARG D 178 -39.31 14.15 -0.62
C ARG D 178 -39.44 13.15 -1.78
N TYR D 179 -38.28 12.67 -2.23
CA TYR D 179 -38.14 11.81 -3.40
C TYR D 179 -37.16 10.69 -3.09
N LEU D 180 -37.40 9.52 -3.70
CA LEU D 180 -36.49 8.40 -3.65
C LEU D 180 -36.13 8.04 -5.06
N LEU D 181 -34.85 8.12 -5.40
CA LEU D 181 -34.36 7.81 -6.76
C LEU D 181 -33.50 6.59 -6.70
N ARG D 182 -33.60 5.72 -7.72
N ARG D 182 -33.60 5.73 -7.72
CA ARG D 182 -32.85 4.47 -7.78
CA ARG D 182 -32.84 4.49 -7.81
C ARG D 182 -32.18 4.33 -9.14
C ARG D 182 -32.14 4.41 -9.16
N ARG D 183 -30.93 3.89 -9.15
CA ARG D 183 -30.13 3.80 -10.39
C ARG D 183 -30.65 2.77 -11.37
N ASP D 184 -30.71 3.17 -12.64
CA ASP D 184 -31.09 2.26 -13.71
C ASP D 184 -30.18 2.54 -14.89
N ASP D 185 -28.99 1.97 -14.80
CA ASP D 185 -27.92 2.24 -15.75
C ASP D 185 -27.05 0.99 -15.87
N THR D 186 -26.76 0.61 -17.12
CA THR D 186 -26.00 -0.57 -17.43
C THR D 186 -24.51 -0.41 -17.20
N GLU D 187 -24.01 0.82 -17.04
CA GLU D 187 -22.59 1.01 -16.75
C GLU D 187 -22.36 1.03 -15.25
N PRO D 188 -21.21 0.49 -14.79
CA PRO D 188 -21.04 0.40 -13.37
C PRO D 188 -20.88 1.76 -12.66
N GLU D 189 -21.23 1.76 -11.38
CA GLU D 189 -21.12 2.97 -10.58
C GLU D 189 -19.65 3.39 -10.45
N PRO D 190 -19.33 4.69 -10.67
CA PRO D 190 -17.92 5.10 -10.69
C PRO D 190 -17.12 4.82 -9.44
N TRP D 191 -17.79 4.67 -8.32
CA TRP D 191 -17.11 4.38 -7.05
C TRP D 191 -16.78 2.93 -6.78
N THR D 192 -17.27 2.02 -7.61
CA THR D 192 -17.05 0.59 -7.39
C THR D 192 -15.73 0.21 -8.03
N ARG D 193 -15.21 -0.95 -7.69
CA ARG D 193 -14.02 -1.42 -8.40
C ARG D 193 -14.27 -1.50 -9.91
N GLU D 194 -15.44 -1.99 -10.31
CA GLU D 194 -15.76 -2.09 -11.75
C GLU D 194 -15.80 -0.71 -12.41
N GLY D 195 -16.38 0.26 -11.71
CA GLY D 195 -16.43 1.63 -12.23
C GLY D 195 -15.06 2.29 -12.34
N LYS D 196 -14.24 2.09 -11.32
CA LYS D 196 -12.86 2.62 -11.34
C LYS D 196 -12.09 2.02 -12.50
N ASP D 197 -12.25 0.71 -12.67
CA ASP D 197 -11.64 0.00 -13.81
C ASP D 197 -12.12 0.57 -15.14
N ARG D 198 -13.42 0.85 -15.24
CA ARG D 198 -14.01 1.37 -16.49
C ARG D 198 -13.47 2.78 -16.81
N THR D 199 -13.46 3.65 -15.81
CA THR D 199 -12.88 5.01 -15.92
C THR D 199 -11.41 4.98 -16.36
N ARG D 200 -10.65 4.07 -15.76
CA ARG D 200 -9.26 3.88 -16.15
C ARG D 200 -9.18 3.43 -17.60
N GLN D 201 -9.97 2.42 -17.98
CA GLN D 201 -9.83 1.88 -19.34
C GLN D 201 -10.29 2.87 -20.41
N LEU D 202 -11.24 3.73 -20.06
CA LEU D 202 -11.70 4.81 -20.95
C LEU D 202 -10.77 6.03 -20.89
N GLY D 203 -9.85 6.05 -19.94
CA GLY D 203 -8.94 7.17 -19.74
C GLY D 203 -9.59 8.46 -19.29
N LEU D 204 -10.69 8.38 -18.54
CA LEU D 204 -11.35 9.59 -18.09
C LEU D 204 -10.53 10.29 -17.01
N THR D 205 -10.42 11.62 -17.14
CA THR D 205 -9.63 12.43 -16.22
C THR D 205 -10.39 13.73 -15.96
N MET D 206 -10.07 14.39 -14.85
CA MET D 206 -10.78 15.62 -14.47
C MET D 206 -10.63 16.68 -15.54
#